data_6R7O
#
_entry.id   6R7O
#
_cell.length_a   154.654
_cell.length_b   166.718
_cell.length_c   46.878
_cell.angle_alpha   90.00
_cell.angle_beta   90.00
_cell.angle_gamma   90.00
#
_symmetry.space_group_name_H-M   'P 21 21 2'
#
loop_
_entity.id
_entity.type
_entity.pdbx_description
1 polymer 'Cohesin subunit SA-1'
2 water water
#
_entity_poly.entity_id   1
_entity_poly.type   'polypeptide(L)'
_entity_poly.pdbx_seq_one_letter_code
;SMSPNGNLIRMLVLFFLESELHEHAAYLVDSLWESSQELLKDWECMTELLLEEPVQGEEAMSDRQESALIELMVCTIRQA
AEAHPPVGRGTGKRVLTAKERKTQIDDRNKLTEHFIITLPMLLSKYSADAEKVANLLQIPQYFDLEIYSTGRMEKHLDAL
LKQIKFVVEKHVESDVLEACSKTYSILCSEEYTIQNRVDIARSQLIDEFVDRFNHSVEDLLQEGEEADDDDIYNVLSTLK
RLTSFHNAHDLTKWDLFGNCYRLLKTGIEHGAMPEQIVVQALQCSHYSILWQLVKITDGSPSKEDLLVLRKTVKSFLAVC
QQCLSNVNTPVKEQAFMLLCDLLMIFSHQLMTGGREGLQPLVFNPDTGLQSELLSFVMDHVFIDQDEENQSMEGDEEDEA
NKIEALHKRRNLLAAFSKLIIYDIVDMHAAADIFKHYMKYYNDYGDIIKETLSKTRQID
;
_entity_poly.pdbx_strand_id   A,B
#
# COMPACT_ATOMS: atom_id res chain seq x y z
N SER A 3 -18.51 42.58 17.30
CA SER A 3 -19.06 42.19 16.01
C SER A 3 -20.56 42.49 15.92
N PRO A 4 -20.92 43.53 15.18
CA PRO A 4 -22.33 43.73 14.83
C PRO A 4 -22.91 42.57 14.04
N ASN A 5 -22.08 41.87 13.26
CA ASN A 5 -22.52 40.63 12.65
C ASN A 5 -22.83 39.56 13.70
N GLY A 6 -22.18 39.64 14.86
CA GLY A 6 -22.49 38.69 15.93
C GLY A 6 -23.92 38.82 16.42
N ASN A 7 -24.41 40.06 16.56
CA ASN A 7 -25.79 40.26 16.98
C ASN A 7 -26.77 39.68 15.96
N LEU A 8 -26.50 39.90 14.67
CA LEU A 8 -27.36 39.34 13.63
C LEU A 8 -27.36 37.82 13.67
N ILE A 9 -26.19 37.21 13.89
CA ILE A 9 -26.10 35.76 13.98
C ILE A 9 -26.85 35.26 15.21
N ARG A 10 -26.71 35.97 16.34
CA ARG A 10 -27.41 35.57 17.56
C ARG A 10 -28.92 35.60 17.37
N MET A 11 -29.44 36.69 16.79
CA MET A 11 -30.87 36.80 16.57
C MET A 11 -31.36 35.80 15.52
N LEU A 12 -30.54 35.49 14.51
CA LEU A 12 -30.93 34.51 13.52
C LEU A 12 -31.07 33.13 14.16
N VAL A 13 -30.20 32.81 15.11
CA VAL A 13 -30.35 31.57 15.87
C VAL A 13 -31.63 31.60 16.69
N LEU A 14 -31.92 32.74 17.32
CA LEU A 14 -33.14 32.87 18.11
C LEU A 14 -34.37 32.73 17.23
N PHE A 15 -34.36 33.36 16.05
CA PHE A 15 -35.51 33.28 15.16
C PHE A 15 -35.74 31.85 14.67
N PHE A 16 -34.67 31.08 14.50
CA PHE A 16 -34.82 29.70 14.05
C PHE A 16 -35.37 28.80 15.15
N LEU A 17 -35.03 29.06 16.41
CA LEU A 17 -35.47 28.23 17.51
C LEU A 17 -36.84 28.65 18.05
N GLU A 18 -37.11 29.95 18.12
CA GLU A 18 -38.33 30.43 18.76
C GLU A 18 -39.54 30.36 17.83
N SER A 19 -39.34 30.47 16.53
CA SER A 19 -40.43 30.46 15.57
C SER A 19 -40.54 29.10 14.88
N GLU A 20 -41.71 28.86 14.30
CA GLU A 20 -41.99 27.64 13.55
C GLU A 20 -42.04 27.89 12.05
N LEU A 21 -41.52 29.03 11.59
CA LEU A 21 -41.57 29.35 10.17
C LEU A 21 -40.60 28.51 9.35
N HIS A 22 -39.52 28.05 9.97
CA HIS A 22 -38.53 27.20 9.30
C HIS A 22 -38.32 25.94 10.13
N GLU A 23 -38.69 24.80 9.55
CA GLU A 23 -38.54 23.52 10.24
C GLU A 23 -37.11 23.02 10.19
N HIS A 24 -36.44 23.16 9.04
CA HIS A 24 -35.10 22.66 8.84
C HIS A 24 -34.12 23.83 8.74
N ALA A 25 -32.95 23.67 9.34
CA ALA A 25 -31.93 24.71 9.27
C ALA A 25 -31.43 24.92 7.85
N ALA A 26 -31.38 23.83 7.06
CA ALA A 26 -30.91 23.95 5.68
C ALA A 26 -31.86 24.79 4.84
N TYR A 27 -33.16 24.69 5.10
CA TYR A 27 -34.13 25.47 4.34
C TYR A 27 -34.09 26.95 4.72
N LEU A 28 -33.82 27.23 6.00
CA LEU A 28 -33.67 28.62 6.42
C LEU A 28 -32.43 29.27 5.79
N VAL A 29 -31.30 28.55 5.78
CA VAL A 29 -30.09 29.07 5.18
C VAL A 29 -30.29 29.29 3.68
N ASP A 30 -30.93 28.34 3.01
CA ASP A 30 -31.13 28.45 1.57
C ASP A 30 -32.03 29.63 1.22
N SER A 31 -33.08 29.86 2.01
CA SER A 31 -34.01 30.94 1.69
C SER A 31 -33.37 32.31 1.84
N LEU A 32 -32.44 32.47 2.80
CA LEU A 32 -31.74 33.72 3.02
C LEU A 32 -30.42 33.82 2.26
N TRP A 33 -30.08 32.80 1.47
CA TRP A 33 -28.76 32.77 0.85
C TRP A 33 -28.60 33.85 -0.20
N GLU A 34 -29.65 34.15 -0.96
CA GLU A 34 -29.55 35.14 -2.02
C GLU A 34 -29.33 36.54 -1.44
N SER A 35 -29.96 36.85 -0.32
CA SER A 35 -29.91 38.18 0.26
C SER A 35 -28.87 38.35 1.35
N SER A 36 -28.45 37.27 2.02
CA SER A 36 -27.59 37.36 3.19
C SER A 36 -26.36 36.46 3.06
N GLN A 37 -25.85 36.29 1.85
CA GLN A 37 -24.75 35.36 1.63
C GLN A 37 -23.49 35.79 2.37
N GLU A 38 -23.22 37.10 2.39
CA GLU A 38 -22.01 37.59 3.06
C GLU A 38 -22.10 37.42 4.57
N LEU A 39 -23.29 37.63 5.15
CA LEU A 39 -23.47 37.41 6.58
C LEU A 39 -23.37 35.93 6.92
N LEU A 40 -24.01 35.08 6.11
CA LEU A 40 -24.05 33.65 6.39
C LEU A 40 -22.71 32.96 6.14
N LYS A 41 -21.71 33.64 5.58
CA LYS A 41 -20.40 33.07 5.38
C LYS A 41 -19.35 33.72 6.27
N ASP A 42 -19.77 34.52 7.25
CA ASP A 42 -18.85 35.10 8.23
C ASP A 42 -18.53 34.05 9.29
N TRP A 43 -17.79 33.03 8.85
CA TRP A 43 -17.49 31.89 9.71
C TRP A 43 -16.54 32.26 10.83
N GLU A 44 -15.72 33.30 10.64
CA GLU A 44 -14.90 33.80 11.73
C GLU A 44 -15.77 34.31 12.87
N CYS A 45 -16.90 34.93 12.54
CA CYS A 45 -17.79 35.43 13.58
C CYS A 45 -18.52 34.28 14.29
N MET A 46 -18.85 33.23 13.55
CA MET A 46 -19.58 32.11 14.16
C MET A 46 -18.70 31.33 15.13
N THR A 47 -17.46 31.03 14.72
CA THR A 47 -16.56 30.27 15.59
C THR A 47 -16.15 31.08 16.81
N GLU A 48 -16.09 32.41 16.69
CA GLU A 48 -15.78 33.24 17.86
C GLU A 48 -16.93 33.24 18.85
N LEU A 49 -18.17 33.26 18.36
CA LEU A 49 -19.32 33.15 19.26
C LEU A 49 -19.31 31.82 20.00
N LEU A 50 -18.87 30.76 19.33
CA LEU A 50 -18.89 29.42 19.92
C LEU A 50 -17.72 29.18 20.85
N LEU A 51 -16.55 29.74 20.56
CA LEU A 51 -15.34 29.43 21.30
C LEU A 51 -15.02 30.41 22.41
N GLU A 52 -15.41 31.67 22.28
CA GLU A 52 -15.06 32.68 23.28
C GLU A 52 -16.02 32.63 24.46
N GLU A 53 -15.52 33.03 25.63
CA GLU A 53 -16.34 33.13 26.82
C GLU A 53 -17.10 34.45 26.83
N PRO A 54 -18.27 34.50 27.47
CA PRO A 54 -19.07 35.74 27.49
C PRO A 54 -18.33 36.86 28.21
N VAL A 55 -18.48 38.07 27.67
CA VAL A 55 -17.90 39.26 28.27
C VAL A 55 -18.89 39.82 29.28
N GLN A 56 -18.40 40.67 30.18
CA GLN A 56 -19.25 41.30 31.18
C GLN A 56 -20.34 42.12 30.49
N GLY A 57 -21.59 41.89 30.90
CA GLY A 57 -22.72 42.56 30.30
C GLY A 57 -23.29 41.88 29.08
N GLU A 58 -22.77 40.73 28.70
CA GLU A 58 -23.27 39.97 27.55
C GLU A 58 -23.92 38.68 28.04
N GLU A 59 -25.12 38.40 27.55
CA GLU A 59 -25.81 37.17 27.89
C GLU A 59 -25.11 35.98 27.24
N ALA A 60 -24.92 34.92 28.03
CA ALA A 60 -24.31 33.70 27.52
C ALA A 60 -25.30 32.91 26.67
N MET A 61 -24.78 32.27 25.62
CA MET A 61 -25.61 31.41 24.80
C MET A 61 -26.00 30.16 25.56
N SER A 62 -27.28 29.78 25.48
CA SER A 62 -27.73 28.54 26.06
C SER A 62 -27.17 27.36 25.26
N ASP A 63 -27.33 26.16 25.82
CA ASP A 63 -26.84 24.96 25.13
C ASP A 63 -27.64 24.70 23.86
N ARG A 64 -28.94 25.02 23.86
CA ARG A 64 -29.75 24.83 22.66
C ARG A 64 -29.37 25.85 21.58
N GLN A 65 -29.04 27.07 21.98
CA GLN A 65 -28.62 28.08 21.01
C GLN A 65 -27.25 27.75 20.42
N GLU A 66 -26.37 27.14 21.20
CA GLU A 66 -25.08 26.71 20.67
C GLU A 66 -25.24 25.55 19.70
N SER A 67 -26.18 24.64 19.98
CA SER A 67 -26.45 23.55 19.05
C SER A 67 -27.03 24.07 17.75
N ALA A 68 -27.94 25.04 17.82
CA ALA A 68 -28.54 25.59 16.61
C ALA A 68 -27.53 26.37 15.79
N LEU A 69 -26.65 27.13 16.46
CA LEU A 69 -25.61 27.87 15.74
C LEU A 69 -24.67 26.93 15.00
N ILE A 70 -24.29 25.81 15.64
CA ILE A 70 -23.44 24.83 14.97
C ILE A 70 -24.15 24.23 13.77
N GLU A 71 -25.42 23.88 13.93
CA GLU A 71 -26.17 23.29 12.82
C GLU A 71 -26.34 24.30 11.68
N LEU A 72 -26.66 25.56 12.02
CA LEU A 72 -26.74 26.59 10.99
C LEU A 72 -25.40 26.81 10.31
N MET A 73 -24.31 26.77 11.09
CA MET A 73 -22.99 27.00 10.53
C MET A 73 -22.62 25.93 9.52
N VAL A 74 -22.90 24.65 9.85
CA VAL A 74 -22.59 23.57 8.93
C VAL A 74 -23.42 23.69 7.65
N CYS A 75 -24.66 24.18 7.77
CA CYS A 75 -25.51 24.35 6.58
C CYS A 75 -24.93 25.40 5.65
N THR A 76 -24.41 26.50 6.20
CA THR A 76 -23.79 27.53 5.37
C THR A 76 -22.50 27.03 4.74
N ILE A 77 -21.76 26.16 5.44
CA ILE A 77 -20.54 25.58 4.88
C ILE A 77 -20.88 24.72 3.67
N ARG A 78 -21.93 23.90 3.78
CA ARG A 78 -22.34 23.07 2.64
C ARG A 78 -22.79 23.94 1.47
N GLN A 79 -23.63 24.93 1.74
CA GLN A 79 -24.19 25.74 0.66
C GLN A 79 -23.11 26.52 -0.07
N ALA A 80 -22.11 27.03 0.66
CA ALA A 80 -21.02 27.75 0.02
C ALA A 80 -20.12 26.82 -0.77
N ALA A 81 -19.85 25.62 -0.23
CA ALA A 81 -18.93 24.70 -0.89
C ALA A 81 -19.58 24.04 -2.10
N GLU A 82 -20.86 23.69 -2.00
CA GLU A 82 -21.55 23.01 -3.10
C GLU A 82 -22.20 23.98 -4.08
N ALA A 83 -22.48 25.21 -3.65
CA ALA A 83 -22.99 26.27 -4.53
C ALA A 83 -24.31 25.87 -5.19
N HIS A 84 -25.16 25.17 -4.45
CA HIS A 84 -26.50 24.84 -4.91
C HIS A 84 -27.39 24.62 -3.69
N PRO A 85 -28.70 24.77 -3.83
CA PRO A 85 -29.61 24.57 -2.71
C PRO A 85 -29.53 23.14 -2.19
N PRO A 86 -29.97 22.89 -0.95
CA PRO A 86 -29.91 21.53 -0.41
C PRO A 86 -30.93 20.59 -1.04
N VAL A 87 -30.88 19.32 -0.66
CA VAL A 87 -31.84 18.35 -1.18
C VAL A 87 -33.25 18.76 -0.78
N GLY A 88 -34.17 18.67 -1.73
CA GLY A 88 -35.54 19.10 -1.52
C GLY A 88 -35.84 20.49 -2.05
N ARG A 89 -34.83 21.34 -2.18
CA ARG A 89 -34.99 22.69 -2.73
C ARG A 89 -34.31 22.85 -4.09
N GLY A 90 -33.77 21.78 -4.66
CA GLY A 90 -33.10 21.85 -5.94
C GLY A 90 -34.05 21.90 -7.12
N ARG A 94 -28.77 24.49 -13.16
CA ARG A 94 -27.71 24.03 -12.28
C ARG A 94 -26.34 24.49 -12.77
N VAL A 95 -26.35 25.43 -13.72
CA VAL A 95 -25.12 25.97 -14.29
C VAL A 95 -24.71 27.21 -13.51
N LEU A 96 -23.46 27.25 -13.08
CA LEU A 96 -22.92 28.40 -12.37
C LEU A 96 -22.30 29.39 -13.34
N THR A 97 -22.54 30.67 -13.11
CA THR A 97 -21.87 31.70 -13.89
C THR A 97 -20.39 31.76 -13.51
N ALA A 98 -19.63 32.55 -14.26
CA ALA A 98 -18.20 32.68 -13.99
C ALA A 98 -17.96 33.27 -12.60
N LYS A 99 -18.78 34.24 -12.19
CA LYS A 99 -18.62 34.83 -10.87
C LYS A 99 -19.01 33.85 -9.77
N GLU A 100 -20.09 33.09 -9.97
CA GLU A 100 -20.51 32.12 -8.98
C GLU A 100 -19.48 31.02 -8.80
N ARG A 101 -18.85 30.58 -9.89
CA ARG A 101 -17.77 29.61 -9.78
C ARG A 101 -16.56 30.20 -9.07
N LYS A 102 -16.25 31.47 -9.36
CA LYS A 102 -15.17 32.16 -8.64
C LYS A 102 -15.51 32.31 -7.17
N THR A 103 -16.78 32.64 -6.86
CA THR A 103 -17.20 32.75 -5.47
C THR A 103 -17.09 31.40 -4.76
N GLN A 104 -17.44 30.31 -5.45
CA GLN A 104 -17.34 28.98 -4.84
C GLN A 104 -15.91 28.63 -4.50
N ILE A 105 -14.97 28.91 -5.42
CA ILE A 105 -13.57 28.56 -5.19
C ILE A 105 -13.02 29.36 -4.00
N ASP A 106 -13.34 30.65 -3.94
CA ASP A 106 -12.88 31.47 -2.82
C ASP A 106 -13.55 31.05 -1.52
N ASP A 107 -14.86 30.73 -1.56
CA ASP A 107 -15.54 30.22 -0.38
C ASP A 107 -14.89 28.94 0.12
N ARG A 108 -14.68 27.98 -0.79
CA ARG A 108 -14.02 26.73 -0.43
C ARG A 108 -12.66 26.99 0.20
N ASN A 109 -11.90 27.93 -0.35
CA ASN A 109 -10.59 28.25 0.21
C ASN A 109 -10.72 28.90 1.58
N LYS A 110 -11.69 29.79 1.75
CA LYS A 110 -11.86 30.49 3.02
C LYS A 110 -12.27 29.52 4.12
N LEU A 111 -13.30 28.69 3.88
CA LEU A 111 -13.78 27.79 4.91
C LEU A 111 -12.77 26.70 5.23
N THR A 112 -11.99 26.27 4.23
CA THR A 112 -10.99 25.23 4.48
C THR A 112 -9.90 25.73 5.42
N GLU A 113 -9.31 26.89 5.10
CA GLU A 113 -8.26 27.43 5.96
C GLU A 113 -8.79 27.77 7.34
N HIS A 114 -10.02 28.30 7.42
CA HIS A 114 -10.53 28.71 8.73
C HIS A 114 -10.85 27.53 9.61
N PHE A 115 -11.47 26.48 9.05
CA PHE A 115 -11.92 25.37 9.86
C PHE A 115 -10.87 24.28 10.05
N ILE A 116 -9.85 24.23 9.19
CA ILE A 116 -8.68 23.42 9.51
C ILE A 116 -8.07 23.88 10.83
N ILE A 117 -8.14 25.19 11.10
CA ILE A 117 -7.58 25.74 12.32
C ILE A 117 -8.56 25.60 13.48
N THR A 118 -9.84 25.92 13.25
CA THR A 118 -10.79 26.07 14.34
C THR A 118 -11.61 24.82 14.64
N LEU A 119 -11.72 23.87 13.71
CA LEU A 119 -12.47 22.65 14.01
C LEU A 119 -11.85 21.84 15.15
N PRO A 120 -10.52 21.67 15.24
CA PRO A 120 -9.97 21.05 16.46
C PRO A 120 -10.35 21.79 17.73
N MET A 121 -10.33 23.12 17.69
CA MET A 121 -10.74 23.90 18.86
C MET A 121 -12.22 23.70 19.16
N LEU A 122 -13.06 23.63 18.12
CA LEU A 122 -14.49 23.40 18.33
C LEU A 122 -14.75 21.99 18.85
N LEU A 123 -14.03 20.99 18.31
CA LEU A 123 -14.21 19.63 18.78
C LEU A 123 -13.78 19.48 20.24
N SER A 124 -12.71 20.19 20.63
CA SER A 124 -12.22 20.08 22.00
C SER A 124 -13.21 20.64 23.00
N LYS A 125 -13.76 21.83 22.72
CA LYS A 125 -14.67 22.48 23.67
C LYS A 125 -15.97 21.70 23.82
N TYR A 126 -16.52 21.20 22.71
CA TYR A 126 -17.79 20.50 22.71
C TYR A 126 -17.64 18.98 22.60
N SER A 127 -16.51 18.44 23.09
CA SER A 127 -16.19 17.03 22.88
C SER A 127 -17.23 16.11 23.52
N ALA A 128 -17.87 16.56 24.60
CA ALA A 128 -18.80 15.70 25.32
C ALA A 128 -20.19 15.67 24.69
N ASP A 129 -20.56 16.70 23.93
CA ASP A 129 -21.90 16.79 23.35
C ASP A 129 -21.96 15.93 22.10
N ALA A 130 -22.72 14.83 22.16
CA ALA A 130 -22.77 13.90 21.04
C ALA A 130 -23.38 14.54 19.81
N GLU A 131 -24.50 15.25 19.96
CA GLU A 131 -25.16 15.86 18.82
C GLU A 131 -24.30 16.95 18.18
N LYS A 132 -23.59 17.72 19.01
CA LYS A 132 -22.73 18.78 18.47
C LYS A 132 -21.53 18.21 17.72
N VAL A 133 -20.88 17.19 18.29
CA VAL A 133 -19.72 16.61 17.64
C VAL A 133 -20.10 15.97 16.31
N ALA A 134 -21.23 15.27 16.29
CA ALA A 134 -21.70 14.67 15.04
C ALA A 134 -21.93 15.72 13.96
N ASN A 135 -22.42 16.89 14.35
CA ASN A 135 -22.61 17.98 13.39
C ASN A 135 -21.27 18.57 12.97
N LEU A 136 -20.37 18.78 13.92
CA LEU A 136 -19.08 19.38 13.60
C LEU A 136 -18.26 18.50 12.67
N LEU A 137 -18.41 17.17 12.79
CA LEU A 137 -17.68 16.24 11.93
C LEU A 137 -18.25 16.14 10.52
N GLN A 138 -19.34 16.86 10.24
CA GLN A 138 -19.83 16.98 8.87
C GLN A 138 -19.08 18.04 8.06
N ILE A 139 -18.07 18.67 8.66
CA ILE A 139 -17.38 19.80 8.06
C ILE A 139 -16.21 19.35 7.17
N PRO A 140 -15.35 18.40 7.58
CA PRO A 140 -14.19 18.07 6.74
C PRO A 140 -14.54 17.60 5.33
N GLN A 141 -15.74 17.07 5.10
CA GLN A 141 -16.09 16.61 3.76
C GLN A 141 -16.10 17.74 2.75
N TYR A 142 -16.22 18.98 3.20
CA TYR A 142 -16.20 20.14 2.32
C TYR A 142 -14.84 20.80 2.26
N PHE A 143 -13.82 20.20 2.85
CA PHE A 143 -12.48 20.76 2.81
C PHE A 143 -11.83 20.57 1.45
N ASP A 144 -11.01 21.55 1.07
CA ASP A 144 -10.03 21.36 -0.01
C ASP A 144 -8.78 20.80 0.68
N LEU A 145 -8.69 19.47 0.73
CA LEU A 145 -7.70 18.81 1.56
C LEU A 145 -6.27 19.08 1.14
N GLU A 146 -6.05 19.58 -0.08
CA GLU A 146 -4.68 19.89 -0.52
C GLU A 146 -4.07 21.01 0.33
N ILE A 147 -4.90 21.81 0.99
CA ILE A 147 -4.39 22.93 1.80
C ILE A 147 -3.62 22.41 3.01
N TYR A 148 -3.93 21.19 3.47
CA TYR A 148 -3.16 20.60 4.57
C TYR A 148 -1.68 20.53 4.25
N SER A 149 -1.35 20.21 3.00
CA SER A 149 0.04 20.18 2.56
C SER A 149 0.52 21.53 2.04
N THR A 150 -0.35 22.29 1.39
CA THR A 150 0.05 23.56 0.78
C THR A 150 0.41 24.59 1.85
N GLY A 151 -0.51 24.84 2.78
CA GLY A 151 -0.32 25.90 3.77
C GLY A 151 0.59 25.52 4.91
N ARG A 152 1.30 24.40 4.77
CA ARG A 152 2.17 23.86 5.82
C ARG A 152 1.42 23.70 7.13
N MET A 153 0.17 23.23 7.04
CA MET A 153 -0.73 23.09 8.18
C MET A 153 -0.71 21.67 8.75
N GLU A 154 0.45 21.03 8.80
CA GLU A 154 0.52 19.65 9.30
C GLU A 154 0.15 19.58 10.77
N LYS A 155 0.49 20.61 11.55
CA LYS A 155 0.19 20.58 12.98
C LYS A 155 -1.31 20.67 13.24
N HIS A 156 -2.06 21.28 12.32
CA HIS A 156 -3.51 21.33 12.48
C HIS A 156 -4.16 20.02 12.09
N LEU A 157 -3.55 19.26 11.17
CA LEU A 157 -4.03 17.91 10.91
C LEU A 157 -3.82 17.01 12.12
N ASP A 158 -2.65 17.13 12.77
CA ASP A 158 -2.40 16.38 13.99
C ASP A 158 -3.41 16.74 15.08
N ALA A 159 -3.74 18.03 15.20
CA ALA A 159 -4.71 18.45 16.20
C ALA A 159 -6.10 17.89 15.91
N LEU A 160 -6.46 17.79 14.62
CA LEU A 160 -7.75 17.21 14.28
C LEU A 160 -7.77 15.71 14.56
N LEU A 161 -6.70 15.00 14.16
CA LEU A 161 -6.61 13.57 14.45
C LEU A 161 -6.61 13.31 15.95
N LYS A 162 -6.02 14.21 16.73
CA LYS A 162 -6.03 14.06 18.18
C LYS A 162 -7.44 14.18 18.73
N GLN A 163 -8.18 15.20 18.28
CA GLN A 163 -9.53 15.41 18.82
C GLN A 163 -10.51 14.34 18.37
N ILE A 164 -10.32 13.78 17.17
CA ILE A 164 -11.20 12.71 16.71
C ILE A 164 -11.00 11.47 17.57
N LYS A 165 -9.75 11.15 17.92
CA LYS A 165 -9.49 10.01 18.78
C LYS A 165 -10.10 10.21 20.16
N PHE A 166 -9.97 11.43 20.71
CA PHE A 166 -10.62 11.74 21.98
C PHE A 166 -12.14 11.55 21.88
N VAL A 167 -12.72 11.96 20.76
CA VAL A 167 -14.17 11.80 20.56
C VAL A 167 -14.53 10.32 20.51
N VAL A 168 -13.75 9.53 19.77
CA VAL A 168 -14.01 8.10 19.66
C VAL A 168 -13.90 7.43 21.03
N GLU A 169 -12.92 7.86 21.84
CA GLU A 169 -12.69 7.23 23.13
C GLU A 169 -13.77 7.57 24.15
N LYS A 170 -14.50 8.67 23.96
CA LYS A 170 -15.48 9.12 24.95
C LYS A 170 -16.91 8.76 24.57
N HIS A 171 -17.18 8.38 23.32
CA HIS A 171 -18.55 8.27 22.83
C HIS A 171 -18.85 6.87 22.32
N VAL A 172 -20.11 6.47 22.49
CA VAL A 172 -20.60 5.22 21.93
C VAL A 172 -21.81 5.42 21.02
N GLU A 173 -22.34 6.65 20.92
CA GLU A 173 -23.49 6.90 20.06
C GLU A 173 -23.13 6.60 18.61
N SER A 174 -24.09 6.00 17.89
CA SER A 174 -23.81 5.54 16.54
C SER A 174 -23.57 6.68 15.57
N ASP A 175 -24.26 7.81 15.73
CA ASP A 175 -24.04 8.94 14.83
C ASP A 175 -22.66 9.57 15.06
N VAL A 176 -22.17 9.55 16.30
CA VAL A 176 -20.85 10.09 16.57
C VAL A 176 -19.77 9.18 15.99
N LEU A 177 -19.88 7.87 16.24
CA LEU A 177 -18.89 6.93 15.73
C LEU A 177 -18.91 6.87 14.21
N GLU A 178 -20.09 7.00 13.61
CA GLU A 178 -20.18 7.00 12.15
C GLU A 178 -19.53 8.24 11.56
N ALA A 179 -19.71 9.41 12.21
CA ALA A 179 -19.09 10.63 11.72
C ALA A 179 -17.58 10.59 11.86
N CYS A 180 -17.06 9.95 12.91
CA CYS A 180 -15.62 9.78 13.05
C CYS A 180 -15.08 8.85 11.98
N SER A 181 -15.80 7.75 11.70
CA SER A 181 -15.37 6.83 10.67
C SER A 181 -15.33 7.49 9.30
N LYS A 182 -16.36 8.28 8.98
CA LYS A 182 -16.39 8.98 7.69
C LYS A 182 -15.26 10.00 7.58
N THR A 183 -14.96 10.69 8.67
CA THR A 183 -13.91 11.71 8.64
C THR A 183 -12.55 11.08 8.37
N TYR A 184 -12.27 9.93 8.98
CA TYR A 184 -11.03 9.22 8.68
C TYR A 184 -10.97 8.82 7.21
N SER A 185 -12.10 8.35 6.66
CA SER A 185 -12.13 7.95 5.25
C SER A 185 -11.87 9.16 4.35
N ILE A 186 -12.43 10.31 4.69
CA ILE A 186 -12.25 11.51 3.87
C ILE A 186 -10.80 11.97 3.89
N LEU A 187 -10.16 11.91 5.06
CA LEU A 187 -8.80 12.40 5.19
C LEU A 187 -7.79 11.55 4.45
N CYS A 188 -8.17 10.35 4.02
CA CYS A 188 -7.28 9.46 3.26
C CYS A 188 -7.60 9.43 1.78
N SER A 189 -8.29 10.45 1.26
CA SER A 189 -8.82 10.40 -0.10
C SER A 189 -8.24 11.49 -1.01
N GLU A 190 -7.08 12.04 -0.68
CA GLU A 190 -6.54 13.11 -1.51
C GLU A 190 -5.09 12.88 -1.92
N GLU A 191 -4.16 12.98 -0.97
CA GLU A 191 -2.74 12.98 -1.27
C GLU A 191 -2.01 12.06 -0.30
N TYR A 192 -1.02 11.33 -0.81
CA TYR A 192 -0.42 10.23 -0.05
C TYR A 192 0.39 10.70 1.14
N THR A 193 0.90 11.94 1.12
CA THR A 193 1.71 12.41 2.24
C THR A 193 0.85 12.56 3.50
N ILE A 194 -0.31 13.18 3.38
CA ILE A 194 -1.22 13.23 4.52
C ILE A 194 -1.99 11.93 4.67
N GLN A 195 -2.15 11.16 3.59
CA GLN A 195 -2.81 9.86 3.68
C GLN A 195 -2.03 8.93 4.60
N ASN A 196 -0.70 8.92 4.49
CA ASN A 196 0.12 8.06 5.34
C ASN A 196 0.06 8.49 6.79
N ARG A 197 -0.01 9.81 7.04
CA ARG A 197 -0.10 10.30 8.41
C ARG A 197 -1.44 9.93 9.05
N VAL A 198 -2.53 9.98 8.26
CA VAL A 198 -3.84 9.62 8.80
C VAL A 198 -3.94 8.11 8.97
N ASP A 199 -3.35 7.34 8.05
CA ASP A 199 -3.36 5.89 8.18
C ASP A 199 -2.66 5.44 9.46
N ILE A 200 -1.57 6.10 9.82
CA ILE A 200 -0.85 5.75 11.05
C ILE A 200 -1.74 6.02 12.26
N ALA A 201 -2.41 7.17 12.28
CA ALA A 201 -3.28 7.51 13.41
C ALA A 201 -4.48 6.58 13.47
N ARG A 202 -5.07 6.23 12.32
CA ARG A 202 -6.24 5.37 12.31
C ARG A 202 -5.89 3.95 12.72
N SER A 203 -4.79 3.40 12.17
CA SER A 203 -4.41 2.04 12.50
C SER A 203 -4.06 1.91 13.98
N GLN A 204 -3.40 2.93 14.54
CA GLN A 204 -3.10 2.92 15.97
C GLN A 204 -4.38 3.00 16.80
N LEU A 205 -5.36 3.78 16.34
CA LEU A 205 -6.65 3.85 17.03
C LEU A 205 -7.36 2.51 16.99
N ILE A 206 -7.34 1.83 15.83
CA ILE A 206 -7.98 0.54 15.71
C ILE A 206 -7.25 -0.51 16.55
N ASP A 207 -5.92 -0.49 16.51
CA ASP A 207 -5.14 -1.44 17.31
C ASP A 207 -5.48 -1.33 18.78
N GLU A 208 -5.66 -0.11 19.29
CA GLU A 208 -5.93 0.07 20.71
C GLU A 208 -7.30 -0.46 21.10
N PHE A 209 -8.28 -0.41 20.18
CA PHE A 209 -9.61 -0.91 20.50
C PHE A 209 -9.79 -2.38 20.17
N VAL A 210 -9.02 -2.91 19.21
CA VAL A 210 -9.04 -4.35 18.97
C VAL A 210 -8.45 -5.09 20.17
N ASP A 211 -7.38 -4.53 20.75
CA ASP A 211 -6.81 -5.12 21.96
C ASP A 211 -7.79 -5.06 23.12
N ARG A 212 -8.42 -3.90 23.32
CA ARG A 212 -9.40 -3.76 24.39
C ARG A 212 -10.62 -4.64 24.14
N PHE A 213 -11.00 -4.83 22.88
CA PHE A 213 -12.13 -5.70 22.56
C PHE A 213 -11.77 -7.16 22.82
N ASN A 214 -10.59 -7.59 22.37
CA ASN A 214 -10.18 -8.98 22.57
C ASN A 214 -10.06 -9.32 24.05
N HIS A 215 -9.48 -8.42 24.85
CA HIS A 215 -9.36 -8.66 26.28
C HIS A 215 -10.72 -8.66 26.95
N SER A 216 -11.68 -7.87 26.44
CA SER A 216 -13.00 -7.84 27.04
C SER A 216 -13.80 -9.09 26.70
N VAL A 217 -13.64 -9.61 25.48
CA VAL A 217 -14.34 -10.83 25.09
C VAL A 217 -13.90 -12.00 25.96
N GLU A 218 -12.61 -12.11 26.23
CA GLU A 218 -12.12 -13.19 27.07
C GLU A 218 -12.61 -13.03 28.51
N ASP A 219 -12.68 -11.79 29.00
CA ASP A 219 -13.24 -11.57 30.33
C ASP A 219 -14.70 -12.01 30.41
N LEU A 220 -15.46 -11.77 29.34
CA LEU A 220 -16.89 -12.07 29.35
C LEU A 220 -17.16 -13.56 29.22
N LEU A 221 -16.47 -14.23 28.27
CA LEU A 221 -16.78 -15.62 28.00
C LEU A 221 -16.29 -16.54 29.12
N GLN A 222 -15.11 -16.25 29.67
CA GLN A 222 -14.57 -17.06 30.75
C GLN A 222 -15.04 -16.56 32.11
N ALA A 227 -21.20 -13.33 34.58
CA ALA A 227 -20.66 -12.13 33.92
C ALA A 227 -20.99 -10.88 34.75
N ASP A 228 -20.18 -9.84 34.57
CA ASP A 228 -20.33 -8.60 35.31
C ASP A 228 -20.98 -7.54 34.44
N ASP A 229 -21.44 -6.46 35.09
CA ASP A 229 -21.92 -5.30 34.34
C ASP A 229 -20.78 -4.64 33.57
N ASP A 230 -19.58 -4.60 34.15
CA ASP A 230 -18.43 -4.05 33.46
C ASP A 230 -18.02 -4.92 32.29
N ASP A 231 -18.04 -6.25 32.47
CA ASP A 231 -17.71 -7.16 31.38
C ASP A 231 -18.64 -6.95 30.20
N ILE A 232 -19.92 -6.70 30.47
CA ILE A 232 -20.88 -6.45 29.39
C ILE A 232 -20.57 -5.13 28.70
N TYR A 233 -20.33 -4.08 29.49
CA TYR A 233 -20.05 -2.77 28.91
C TYR A 233 -18.74 -2.78 28.13
N ASN A 234 -17.71 -3.44 28.66
CA ASN A 234 -16.41 -3.43 27.99
C ASN A 234 -16.48 -4.09 26.62
N VAL A 235 -17.28 -5.15 26.51
CA VAL A 235 -17.45 -5.80 25.20
C VAL A 235 -18.29 -4.93 24.28
N LEU A 236 -19.44 -4.46 24.77
CA LEU A 236 -20.37 -3.72 23.91
C LEU A 236 -19.78 -2.41 23.44
N SER A 237 -19.14 -1.66 24.35
CA SER A 237 -18.64 -0.33 24.00
C SER A 237 -17.52 -0.41 22.97
N THR A 238 -16.60 -1.37 23.14
CA THR A 238 -15.50 -1.49 22.18
C THR A 238 -15.99 -2.08 20.86
N LEU A 239 -16.94 -3.02 20.93
CA LEU A 239 -17.48 -3.61 19.71
C LEU A 239 -18.29 -2.59 18.91
N LYS A 240 -18.95 -1.65 19.59
CA LYS A 240 -19.68 -0.59 18.88
C LYS A 240 -18.75 0.23 18.01
N ARG A 241 -17.59 0.62 18.55
CA ARG A 241 -16.67 1.46 17.79
C ARG A 241 -16.03 0.68 16.64
N LEU A 242 -15.75 -0.60 16.85
CA LEU A 242 -15.19 -1.41 15.78
C LEU A 242 -16.22 -1.69 14.70
N THR A 243 -17.48 -1.91 15.10
CA THR A 243 -18.54 -2.13 14.12
C THR A 243 -18.79 -0.89 13.28
N SER A 244 -18.75 0.29 13.89
CA SER A 244 -18.99 1.53 13.15
C SER A 244 -17.90 1.78 12.13
N PHE A 245 -16.65 1.49 12.49
CA PHE A 245 -15.53 1.71 11.58
C PHE A 245 -15.41 0.62 10.51
N HIS A 246 -15.96 -0.57 10.77
CA HIS A 246 -15.80 -1.68 9.84
C HIS A 246 -16.62 -1.51 8.56
N ASN A 247 -17.56 -0.57 8.53
CA ASN A 247 -18.33 -0.34 7.32
C ASN A 247 -17.47 0.30 6.23
N ALA A 248 -16.81 1.41 6.56
CA ALA A 248 -16.02 2.16 5.58
C ALA A 248 -14.54 1.79 5.58
N HIS A 249 -14.08 1.00 6.54
CA HIS A 249 -12.67 0.65 6.65
C HIS A 249 -12.51 -0.86 6.67
N ASP A 250 -11.59 -1.37 5.87
CA ASP A 250 -11.30 -2.79 5.80
C ASP A 250 -10.51 -3.19 7.05
N LEU A 251 -11.19 -3.81 8.00
CA LEU A 251 -10.58 -4.24 9.26
C LEU A 251 -10.39 -5.75 9.31
N THR A 252 -10.22 -6.39 8.15
CA THR A 252 -10.11 -7.85 8.10
C THR A 252 -8.75 -8.36 8.58
N LYS A 253 -7.71 -7.52 8.57
CA LYS A 253 -6.43 -7.96 9.11
C LYS A 253 -6.51 -8.23 10.60
N TRP A 254 -7.43 -7.57 11.30
CA TRP A 254 -7.79 -7.95 12.66
C TRP A 254 -8.92 -8.98 12.59
N ASP A 255 -8.67 -10.18 13.08
CA ASP A 255 -9.64 -11.27 13.02
C ASP A 255 -10.81 -10.96 13.96
N LEU A 256 -11.67 -10.02 13.52
CA LEU A 256 -12.81 -9.64 14.33
C LEU A 256 -13.96 -10.63 14.21
N PHE A 257 -14.07 -11.32 13.07
CA PHE A 257 -15.14 -12.30 12.91
C PHE A 257 -15.05 -13.43 13.92
N GLY A 258 -13.84 -13.79 14.32
CA GLY A 258 -13.67 -14.91 15.25
C GLY A 258 -14.32 -14.65 16.59
N ASN A 259 -14.01 -13.50 17.20
CA ASN A 259 -14.58 -13.19 18.50
C ASN A 259 -16.06 -12.86 18.40
N CYS A 260 -16.50 -12.24 17.31
CA CYS A 260 -17.93 -12.01 17.11
C CYS A 260 -18.67 -13.33 17.01
N TYR A 261 -18.09 -14.31 16.31
CA TYR A 261 -18.72 -15.62 16.19
C TYR A 261 -18.82 -16.31 17.54
N ARG A 262 -17.80 -16.16 18.39
CA ARG A 262 -17.84 -16.74 19.72
C ARG A 262 -18.94 -16.09 20.56
N LEU A 263 -19.09 -14.77 20.47
CA LEU A 263 -20.14 -14.09 21.21
C LEU A 263 -21.51 -14.55 20.77
N LEU A 264 -21.71 -14.72 19.46
CA LEU A 264 -23.01 -15.14 18.95
C LEU A 264 -23.29 -16.60 19.30
N LYS A 265 -22.28 -17.46 19.20
CA LYS A 265 -22.47 -18.87 19.56
C LYS A 265 -22.77 -19.02 21.05
N THR A 266 -22.12 -18.21 21.90
CA THR A 266 -22.41 -18.25 23.32
C THR A 266 -23.83 -17.79 23.61
N GLY A 267 -24.30 -16.78 22.88
CA GLY A 267 -25.67 -16.31 23.04
C GLY A 267 -26.71 -17.25 22.48
N ILE A 268 -26.32 -18.18 21.60
CA ILE A 268 -27.28 -19.12 21.06
C ILE A 268 -27.46 -20.31 21.99
N GLU A 269 -26.37 -20.80 22.57
CA GLU A 269 -26.44 -21.98 23.43
C GLU A 269 -27.10 -21.63 24.76
N HIS A 270 -26.55 -20.65 25.48
CA HIS A 270 -27.01 -20.33 26.82
C HIS A 270 -28.07 -19.24 26.85
N GLY A 271 -28.17 -18.43 25.79
CA GLY A 271 -29.22 -17.43 25.71
C GLY A 271 -29.15 -16.32 26.74
N ALA A 272 -27.95 -15.98 27.21
CA ALA A 272 -27.79 -14.93 28.21
C ALA A 272 -27.00 -13.73 27.68
N MET A 273 -26.78 -13.65 26.38
CA MET A 273 -26.01 -12.55 25.82
C MET A 273 -26.91 -11.33 25.66
N PRO A 274 -26.47 -10.14 26.09
CA PRO A 274 -27.29 -8.94 25.92
C PRO A 274 -27.62 -8.69 24.45
N GLU A 275 -28.80 -8.13 24.21
CA GLU A 275 -29.32 -8.01 22.85
C GLU A 275 -28.44 -7.10 21.99
N GLN A 276 -27.89 -6.03 22.58
CA GLN A 276 -27.11 -5.08 21.80
C GLN A 276 -25.73 -5.62 21.46
N ILE A 277 -25.19 -6.53 22.28
CA ILE A 277 -23.97 -7.21 21.90
C ILE A 277 -24.23 -8.12 20.71
N VAL A 278 -25.38 -8.79 20.69
CA VAL A 278 -25.73 -9.67 19.58
C VAL A 278 -25.92 -8.86 18.30
N VAL A 279 -26.61 -7.71 18.40
CA VAL A 279 -26.87 -6.89 17.22
C VAL A 279 -25.56 -6.36 16.64
N GLN A 280 -24.66 -5.89 17.51
CA GLN A 280 -23.37 -5.38 17.03
C GLN A 280 -22.50 -6.49 16.48
N ALA A 281 -22.49 -7.65 17.15
CA ALA A 281 -21.68 -8.76 16.67
C ALA A 281 -22.16 -9.26 15.31
N LEU A 282 -23.48 -9.27 15.10
CA LEU A 282 -24.01 -9.64 13.79
C LEU A 282 -23.60 -8.64 12.73
N GLN A 283 -23.73 -7.34 13.03
CA GLN A 283 -23.37 -6.32 12.06
C GLN A 283 -21.88 -6.33 11.76
N CYS A 284 -21.05 -6.49 12.79
CA CYS A 284 -19.60 -6.53 12.59
C CYS A 284 -19.21 -7.73 11.73
N SER A 285 -19.80 -8.90 12.01
CA SER A 285 -19.51 -10.08 11.21
C SER A 285 -19.95 -9.90 9.76
N HIS A 286 -21.08 -9.22 9.55
CA HIS A 286 -21.55 -8.95 8.19
C HIS A 286 -20.56 -8.08 7.44
N TYR A 287 -20.07 -7.02 8.10
CA TYR A 287 -19.08 -6.15 7.47
C TYR A 287 -17.81 -6.91 7.12
N SER A 288 -17.37 -7.79 8.02
CA SER A 288 -16.18 -8.59 7.75
C SER A 288 -16.37 -9.46 6.50
N ILE A 289 -17.54 -10.08 6.37
CA ILE A 289 -17.81 -10.95 5.23
C ILE A 289 -17.82 -10.14 3.94
N LEU A 290 -18.42 -8.94 3.98
CA LEU A 290 -18.47 -8.10 2.77
C LEU A 290 -17.08 -7.70 2.32
N TRP A 291 -16.19 -7.38 3.25
CA TRP A 291 -14.82 -7.03 2.88
C TRP A 291 -14.06 -8.25 2.38
N GLN A 292 -14.27 -9.42 3.00
CA GLN A 292 -13.64 -10.64 2.51
C GLN A 292 -14.10 -10.97 1.10
N LEU A 293 -15.36 -10.65 0.77
CA LEU A 293 -15.84 -10.88 -0.59
C LEU A 293 -15.21 -9.88 -1.57
N VAL A 294 -14.98 -8.65 -1.11
CA VAL A 294 -14.36 -7.64 -1.97
C VAL A 294 -12.94 -8.05 -2.33
N LYS A 295 -12.16 -8.49 -1.35
CA LYS A 295 -10.78 -8.91 -1.61
C LYS A 295 -10.74 -10.17 -2.46
N ILE A 296 -11.69 -11.09 -2.25
CA ILE A 296 -11.71 -12.32 -3.03
C ILE A 296 -12.22 -12.09 -4.45
N THR A 297 -12.96 -10.99 -4.68
CA THR A 297 -13.45 -10.69 -6.03
C THR A 297 -12.39 -9.98 -6.85
N ASP A 298 -11.71 -8.99 -6.26
CA ASP A 298 -10.78 -8.17 -7.03
C ASP A 298 -9.51 -8.92 -7.38
N GLY A 299 -9.11 -9.91 -6.58
CA GLY A 299 -7.90 -10.66 -6.84
C GLY A 299 -8.16 -11.89 -7.70
N SER A 300 -7.14 -12.75 -7.76
CA SER A 300 -7.23 -14.05 -8.42
C SER A 300 -7.15 -15.13 -7.35
N PRO A 301 -8.26 -15.52 -6.75
CA PRO A 301 -8.22 -16.47 -5.63
C PRO A 301 -8.01 -17.90 -6.11
N SER A 302 -7.72 -18.77 -5.15
CA SER A 302 -7.56 -20.19 -5.41
C SER A 302 -8.80 -20.94 -4.93
N LYS A 303 -8.77 -22.27 -5.07
CA LYS A 303 -9.91 -23.07 -4.62
C LYS A 303 -10.03 -23.04 -3.10
N GLU A 304 -8.90 -22.97 -2.40
CA GLU A 304 -8.93 -22.89 -0.94
C GLU A 304 -9.49 -21.55 -0.49
N ASP A 305 -9.13 -20.47 -1.19
CA ASP A 305 -9.62 -19.14 -0.81
C ASP A 305 -11.14 -19.08 -0.87
N LEU A 306 -11.73 -19.64 -1.93
CA LEU A 306 -13.19 -19.61 -2.06
C LEU A 306 -13.87 -20.46 -1.00
N LEU A 307 -13.36 -21.68 -0.79
CA LEU A 307 -13.98 -22.60 0.16
C LEU A 307 -13.78 -22.16 1.62
N VAL A 308 -12.73 -21.39 1.90
CA VAL A 308 -12.59 -20.84 3.24
C VAL A 308 -13.65 -19.80 3.52
N LEU A 309 -13.90 -18.91 2.55
CA LEU A 309 -14.98 -17.94 2.70
C LEU A 309 -16.34 -18.61 2.73
N ARG A 310 -16.51 -19.71 1.99
CA ARG A 310 -17.78 -20.42 2.02
C ARG A 310 -18.06 -20.99 3.41
N LYS A 311 -17.05 -21.59 4.04
CA LYS A 311 -17.20 -22.07 5.40
C LYS A 311 -17.59 -20.93 6.34
N THR A 312 -17.03 -19.75 6.13
CA THR A 312 -17.35 -18.61 6.97
C THR A 312 -18.78 -18.13 6.75
N VAL A 313 -19.21 -18.04 5.49
CA VAL A 313 -20.56 -17.57 5.19
C VAL A 313 -21.60 -18.60 5.62
N LYS A 314 -21.32 -19.88 5.41
CA LYS A 314 -22.27 -20.91 5.82
C LYS A 314 -22.48 -20.91 7.33
N SER A 315 -21.39 -20.76 8.09
CA SER A 315 -21.52 -20.73 9.55
C SER A 315 -22.22 -19.47 10.02
N PHE A 316 -22.04 -18.35 9.31
CA PHE A 316 -22.72 -17.13 9.70
C PHE A 316 -24.18 -17.12 9.27
N LEU A 317 -24.51 -17.78 8.16
CA LEU A 317 -25.91 -17.92 7.77
C LEU A 317 -26.68 -18.76 8.78
N ALA A 318 -26.03 -19.77 9.36
CA ALA A 318 -26.67 -20.57 10.40
C ALA A 318 -26.86 -19.74 11.67
N VAL A 319 -25.91 -18.87 11.98
CA VAL A 319 -26.03 -18.03 13.17
C VAL A 319 -27.18 -17.04 13.01
N CYS A 320 -27.29 -16.41 11.83
CA CYS A 320 -28.39 -15.48 11.59
C CYS A 320 -29.73 -16.20 11.64
N GLN A 321 -29.79 -17.41 11.09
CA GLN A 321 -31.03 -18.19 11.16
C GLN A 321 -31.37 -18.55 12.60
N GLN A 322 -30.37 -18.94 13.39
CA GLN A 322 -30.62 -19.26 14.79
C GLN A 322 -31.00 -18.02 15.58
N CYS A 323 -30.48 -16.86 15.21
CA CYS A 323 -30.81 -15.62 15.91
C CYS A 323 -32.24 -15.15 15.64
N LEU A 324 -32.92 -15.74 14.64
CA LEU A 324 -34.33 -15.43 14.44
C LEU A 324 -35.19 -15.87 15.61
N SER A 325 -34.71 -16.80 16.42
CA SER A 325 -35.43 -17.32 17.58
C SER A 325 -35.02 -16.62 18.88
N ASN A 326 -34.22 -15.56 18.80
CA ASN A 326 -33.86 -14.80 19.98
C ASN A 326 -35.09 -14.08 20.53
N VAL A 327 -35.18 -14.00 21.86
CA VAL A 327 -36.37 -13.42 22.48
C VAL A 327 -36.51 -11.93 22.21
N ASN A 328 -35.43 -11.26 21.81
CA ASN A 328 -35.44 -9.82 21.59
C ASN A 328 -35.69 -9.53 20.12
N THR A 329 -36.72 -8.72 19.86
CA THR A 329 -37.05 -8.39 18.47
C THR A 329 -35.96 -7.60 17.74
N PRO A 330 -35.16 -6.74 18.37
CA PRO A 330 -34.04 -6.12 17.62
C PRO A 330 -33.07 -7.14 17.06
N VAL A 331 -32.86 -8.26 17.75
CA VAL A 331 -32.00 -9.31 17.22
C VAL A 331 -32.66 -9.99 16.03
N LYS A 332 -33.98 -10.23 16.11
CA LYS A 332 -34.70 -10.81 14.98
C LYS A 332 -34.57 -9.93 13.74
N GLU A 333 -34.85 -8.63 13.89
CA GLU A 333 -34.80 -7.71 12.76
C GLU A 333 -33.40 -7.62 12.18
N GLN A 334 -32.37 -7.56 13.05
CA GLN A 334 -31.00 -7.51 12.56
C GLN A 334 -30.64 -8.77 11.80
N ALA A 335 -30.96 -9.94 12.38
CA ALA A 335 -30.65 -11.20 11.70
C ALA A 335 -31.44 -11.34 10.41
N PHE A 336 -32.69 -10.87 10.40
CA PHE A 336 -33.51 -10.97 9.20
C PHE A 336 -32.98 -10.07 8.09
N MET A 337 -32.55 -8.85 8.43
CA MET A 337 -31.98 -7.95 7.43
C MET A 337 -30.71 -8.52 6.83
N LEU A 338 -29.83 -9.09 7.66
CA LEU A 338 -28.60 -9.69 7.16
C LEU A 338 -28.89 -10.95 6.36
N LEU A 339 -29.95 -11.68 6.72
CA LEU A 339 -30.35 -12.85 5.94
C LEU A 339 -30.77 -12.44 4.54
N CYS A 340 -31.65 -11.44 4.43
CA CYS A 340 -32.09 -10.98 3.12
C CYS A 340 -30.94 -10.35 2.33
N ASP A 341 -29.97 -9.76 3.03
CA ASP A 341 -28.80 -9.20 2.35
C ASP A 341 -27.92 -10.30 1.80
N LEU A 342 -27.55 -11.27 2.64
CA LEU A 342 -26.59 -12.29 2.23
C LEU A 342 -27.19 -13.23 1.18
N LEU A 343 -28.47 -13.59 1.33
CA LEU A 343 -29.10 -14.48 0.37
C LEU A 343 -29.22 -13.84 -1.01
N MET A 344 -29.18 -12.51 -1.09
CA MET A 344 -29.18 -11.81 -2.36
C MET A 344 -27.77 -11.64 -2.91
N ILE A 345 -26.80 -11.38 -2.04
CA ILE A 345 -25.41 -11.20 -2.48
C ILE A 345 -24.82 -12.53 -2.93
N PHE A 346 -25.05 -13.59 -2.16
CA PHE A 346 -24.48 -14.90 -2.45
C PHE A 346 -25.46 -15.79 -3.21
N SER A 347 -26.35 -15.20 -4.00
CA SER A 347 -27.21 -15.95 -4.90
C SER A 347 -26.46 -16.17 -6.21
N HIS A 348 -27.17 -16.60 -7.26
CA HIS A 348 -26.54 -16.76 -8.56
C HIS A 348 -26.23 -15.42 -9.22
N GLN A 349 -26.67 -14.31 -8.63
CA GLN A 349 -26.24 -12.99 -9.07
C GLN A 349 -24.73 -12.84 -9.00
N LEU A 350 -24.08 -13.54 -8.07
CA LEU A 350 -22.65 -13.41 -7.86
C LEU A 350 -21.83 -13.91 -9.05
N MET A 351 -22.44 -14.69 -9.96
CA MET A 351 -21.72 -15.27 -11.09
C MET A 351 -21.88 -14.44 -12.37
N THR A 352 -22.27 -13.17 -12.24
CA THR A 352 -22.42 -12.31 -13.40
C THR A 352 -21.09 -11.69 -13.80
N GLY A 353 -20.96 -11.39 -15.09
CA GLY A 353 -19.79 -10.69 -15.60
C GLY A 353 -18.51 -11.49 -15.57
N GLY A 354 -18.53 -12.68 -16.18
CA GLY A 354 -17.33 -13.48 -16.31
C GLY A 354 -16.76 -13.99 -14.99
N ARG A 355 -17.59 -14.08 -13.96
CA ARG A 355 -17.17 -14.54 -12.64
C ARG A 355 -17.82 -15.88 -12.28
N GLU A 356 -17.87 -16.81 -13.23
CA GLU A 356 -18.42 -18.13 -12.96
C GLU A 356 -17.57 -18.92 -11.98
N GLY A 357 -16.33 -18.50 -11.76
CA GLY A 357 -15.49 -19.16 -10.76
C GLY A 357 -15.96 -18.96 -9.34
N LEU A 358 -16.84 -17.98 -9.11
CA LEU A 358 -17.40 -17.72 -7.79
C LEU A 358 -18.59 -18.62 -7.46
N GLN A 359 -18.83 -19.65 -8.28
CA GLN A 359 -19.93 -20.58 -8.00
C GLN A 359 -19.84 -21.24 -6.63
N PRO A 360 -18.68 -21.66 -6.11
CA PRO A 360 -18.65 -22.24 -4.76
C PRO A 360 -19.19 -21.31 -3.68
N LEU A 361 -19.28 -20.00 -3.94
CA LEU A 361 -19.80 -19.06 -2.96
C LEU A 361 -21.31 -18.88 -3.05
N VAL A 362 -21.99 -19.57 -3.97
CA VAL A 362 -23.43 -19.44 -4.13
C VAL A 362 -24.13 -20.27 -3.05
N PHE A 363 -25.13 -19.66 -2.42
CA PHE A 363 -25.91 -20.31 -1.37
C PHE A 363 -27.38 -20.28 -1.72
N ASN A 364 -28.05 -21.41 -1.52
CA ASN A 364 -29.49 -21.52 -1.72
C ASN A 364 -30.16 -21.84 -0.39
N PRO A 365 -31.10 -21.02 0.08
CA PRO A 365 -31.72 -21.29 1.38
C PRO A 365 -32.61 -22.52 1.32
N ASP A 366 -32.47 -23.38 2.33
CA ASP A 366 -33.28 -24.60 2.39
C ASP A 366 -34.71 -24.25 2.80
N THR A 367 -35.55 -25.30 2.87
CA THR A 367 -36.96 -25.07 3.18
C THR A 367 -37.14 -24.50 4.58
N GLY A 368 -36.33 -24.95 5.54
CA GLY A 368 -36.46 -24.46 6.90
C GLY A 368 -36.17 -22.97 7.01
N LEU A 369 -35.14 -22.49 6.29
CA LEU A 369 -34.81 -21.08 6.35
C LEU A 369 -35.89 -20.24 5.67
N GLN A 370 -36.41 -20.69 4.53
CA GLN A 370 -37.46 -19.94 3.86
C GLN A 370 -38.71 -19.84 4.72
N SER A 371 -39.05 -20.91 5.43
CA SER A 371 -40.22 -20.89 6.30
C SER A 371 -40.02 -19.91 7.47
N GLU A 372 -38.81 -19.86 8.01
CA GLU A 372 -38.54 -18.93 9.11
C GLU A 372 -38.48 -17.49 8.63
N LEU A 373 -38.02 -17.26 7.40
CA LEU A 373 -38.08 -15.90 6.84
C LEU A 373 -39.52 -15.48 6.61
N LEU A 374 -40.35 -16.38 6.09
CA LEU A 374 -41.76 -16.08 5.92
C LEU A 374 -42.45 -15.82 7.25
N SER A 375 -42.04 -16.53 8.30
CA SER A 375 -42.65 -16.34 9.61
C SER A 375 -42.35 -14.94 10.16
N PHE A 376 -41.12 -14.46 9.96
CA PHE A 376 -40.76 -13.14 10.47
C PHE A 376 -41.62 -12.05 9.84
N VAL A 377 -41.97 -12.20 8.56
CA VAL A 377 -42.81 -11.20 7.90
C VAL A 377 -44.20 -11.18 8.52
N MET A 378 -44.70 -12.34 8.95
CA MET A 378 -46.04 -12.41 9.50
C MET A 378 -46.10 -11.80 10.89
N ASP A 379 -45.05 -11.98 11.69
CA ASP A 379 -45.07 -11.56 13.09
C ASP A 379 -44.39 -10.22 13.35
N HIS A 380 -43.57 -9.73 12.43
CA HIS A 380 -42.80 -8.52 12.69
C HIS A 380 -42.85 -7.50 11.56
N VAL A 381 -43.50 -7.81 10.45
CA VAL A 381 -43.79 -6.84 9.40
C VAL A 381 -45.27 -6.48 9.37
N PHE A 382 -46.14 -7.47 9.44
CA PHE A 382 -47.58 -7.26 9.51
C PHE A 382 -48.01 -7.49 10.96
N ILE A 383 -47.96 -6.42 11.76
CA ILE A 383 -48.28 -6.49 13.17
C ILE A 383 -49.55 -5.69 13.43
N ASP A 384 -50.19 -5.96 14.57
CA ASP A 384 -51.38 -5.23 14.96
C ASP A 384 -51.03 -3.85 15.51
N GLN A 385 -50.29 -3.81 16.61
CA GLN A 385 -49.84 -2.55 17.20
C GLN A 385 -48.65 -2.78 18.14
N GLU A 399 -44.81 9.77 19.50
CA GLU A 399 -45.38 9.49 18.19
C GLU A 399 -44.27 9.37 17.14
N ALA A 400 -43.18 10.11 17.36
CA ALA A 400 -42.10 10.15 16.38
C ALA A 400 -41.48 8.77 16.11
N ASN A 401 -41.67 7.83 17.03
CA ASN A 401 -41.16 6.47 16.84
C ASN A 401 -42.08 5.58 16.04
N LYS A 402 -43.31 6.04 15.76
CA LYS A 402 -44.26 5.22 14.98
C LYS A 402 -43.93 5.25 13.50
N ILE A 403 -43.68 6.43 12.93
CA ILE A 403 -43.33 6.51 11.52
C ILE A 403 -41.92 6.02 11.27
N GLU A 404 -41.06 6.00 12.30
CA GLU A 404 -39.73 5.41 12.13
C GLU A 404 -39.80 3.90 12.12
N ALA A 405 -40.62 3.31 13.00
CA ALA A 405 -40.80 1.86 12.98
C ALA A 405 -41.54 1.41 11.73
N LEU A 406 -42.39 2.27 11.17
CA LEU A 406 -43.08 1.93 9.93
C LEU A 406 -42.11 1.84 8.76
N HIS A 407 -41.25 2.85 8.60
CA HIS A 407 -40.25 2.80 7.54
C HIS A 407 -39.25 1.68 7.77
N LYS A 408 -39.01 1.29 9.03
CA LYS A 408 -38.18 0.14 9.31
C LYS A 408 -38.82 -1.15 8.80
N ARG A 409 -40.11 -1.34 9.10
CA ARG A 409 -40.81 -2.52 8.61
C ARG A 409 -40.93 -2.52 7.09
N ARG A 410 -41.03 -1.34 6.49
CA ARG A 410 -41.06 -1.26 5.02
C ARG A 410 -39.73 -1.69 4.42
N ASN A 411 -38.62 -1.29 5.05
CA ASN A 411 -37.31 -1.75 4.60
C ASN A 411 -37.16 -3.25 4.79
N LEU A 412 -37.71 -3.78 5.90
CA LEU A 412 -37.68 -5.22 6.11
C LEU A 412 -38.46 -5.95 5.03
N LEU A 413 -39.63 -5.42 4.66
CA LEU A 413 -40.44 -6.06 3.62
C LEU A 413 -39.81 -5.88 2.25
N ALA A 414 -39.21 -4.72 1.99
CA ALA A 414 -38.57 -4.48 0.71
C ALA A 414 -37.37 -5.40 0.51
N ALA A 415 -36.56 -5.58 1.57
CA ALA A 415 -35.43 -6.49 1.46
C ALA A 415 -35.88 -7.94 1.30
N PHE A 416 -37.05 -8.28 1.84
CA PHE A 416 -37.60 -9.63 1.67
C PHE A 416 -38.26 -9.80 0.31
N SER A 417 -38.81 -8.71 -0.26
CA SER A 417 -39.47 -8.82 -1.55
C SER A 417 -38.50 -9.16 -2.67
N LYS A 418 -37.24 -8.73 -2.55
CA LYS A 418 -36.25 -9.04 -3.57
C LYS A 418 -35.98 -10.54 -3.66
N LEU A 419 -36.05 -11.24 -2.53
CA LEU A 419 -35.93 -12.70 -2.55
C LEU A 419 -37.14 -13.34 -3.24
N ILE A 420 -38.29 -12.67 -3.22
CA ILE A 420 -39.49 -13.20 -3.85
C ILE A 420 -39.40 -13.06 -5.37
N ILE A 421 -38.92 -11.92 -5.85
CA ILE A 421 -38.91 -11.65 -7.29
C ILE A 421 -38.03 -12.65 -8.02
N TYR A 422 -36.90 -13.03 -7.40
CA TYR A 422 -35.95 -13.94 -8.01
C TYR A 422 -36.08 -15.36 -7.47
N ASP A 423 -37.21 -15.67 -6.82
CA ASP A 423 -37.54 -17.02 -6.37
C ASP A 423 -36.47 -17.62 -5.46
N ILE A 424 -35.80 -16.76 -4.69
CA ILE A 424 -34.87 -17.27 -3.68
C ILE A 424 -35.66 -17.89 -2.52
N VAL A 425 -36.80 -17.33 -2.19
CA VAL A 425 -37.76 -17.95 -1.29
C VAL A 425 -38.95 -18.43 -2.11
N ASP A 426 -39.87 -19.13 -1.45
CA ASP A 426 -41.08 -19.61 -2.10
C ASP A 426 -41.96 -18.41 -2.42
N MET A 427 -41.97 -18.01 -3.69
CA MET A 427 -42.74 -16.84 -4.10
C MET A 427 -44.24 -17.07 -4.04
N HIS A 428 -44.68 -18.34 -4.06
CA HIS A 428 -46.11 -18.62 -3.93
C HIS A 428 -46.57 -18.55 -2.48
N ALA A 429 -45.77 -19.08 -1.55
CA ALA A 429 -46.12 -18.99 -0.14
C ALA A 429 -46.10 -17.54 0.35
N ALA A 430 -45.26 -16.71 -0.25
CA ALA A 430 -45.25 -15.29 0.11
C ALA A 430 -46.46 -14.57 -0.46
N ALA A 431 -46.94 -15.00 -1.62
CA ALA A 431 -48.13 -14.37 -2.20
C ALA A 431 -49.37 -14.67 -1.37
N ASP A 432 -49.47 -15.89 -0.82
CA ASP A 432 -50.60 -16.21 0.04
C ASP A 432 -50.57 -15.41 1.33
N ILE A 433 -49.38 -15.06 1.82
CA ILE A 433 -49.30 -14.18 2.98
C ILE A 433 -49.72 -12.77 2.61
N PHE A 434 -49.34 -12.31 1.42
CA PHE A 434 -49.75 -10.99 0.96
C PHE A 434 -51.26 -10.94 0.74
N LYS A 435 -51.82 -11.97 0.11
CA LYS A 435 -53.27 -12.01 -0.12
C LYS A 435 -54.03 -12.07 1.20
N HIS A 436 -53.44 -12.65 2.24
CA HIS A 436 -54.11 -12.75 3.53
C HIS A 436 -54.23 -11.39 4.19
N TYR A 437 -53.14 -10.62 4.22
CA TYR A 437 -53.16 -9.31 4.86
C TYR A 437 -53.76 -8.22 3.98
N MET A 438 -53.95 -8.48 2.69
CA MET A 438 -54.66 -7.57 1.80
C MET A 438 -56.11 -7.96 1.62
N LYS A 439 -56.64 -8.82 2.49
CA LYS A 439 -57.98 -9.36 2.31
C LYS A 439 -59.04 -8.27 2.46
N TYR A 440 -58.87 -7.38 3.45
CA TYR A 440 -59.84 -6.31 3.66
C TYR A 440 -59.86 -5.33 2.49
N TYR A 441 -58.72 -5.16 1.80
CA TYR A 441 -58.70 -4.27 0.64
C TYR A 441 -59.36 -4.92 -0.58
N ASN A 442 -59.19 -6.23 -0.75
CA ASN A 442 -59.79 -6.92 -1.88
C ASN A 442 -61.27 -7.21 -1.68
N ASP A 443 -61.75 -7.20 -0.44
CA ASP A 443 -63.14 -7.51 -0.14
C ASP A 443 -64.02 -6.27 0.04
N TYR A 444 -63.46 -5.20 0.63
CA TYR A 444 -64.25 -4.01 0.94
C TYR A 444 -63.60 -2.73 0.43
N GLY A 445 -62.50 -2.82 -0.31
CA GLY A 445 -61.79 -1.62 -0.72
C GLY A 445 -62.58 -0.75 -1.69
N ASP A 446 -63.30 -1.39 -2.62
CA ASP A 446 -64.08 -0.62 -3.60
C ASP A 446 -65.20 0.16 -2.90
N ILE A 447 -65.84 -0.44 -1.90
CA ILE A 447 -66.91 0.24 -1.19
C ILE A 447 -66.35 1.38 -0.35
N ILE A 448 -65.17 1.18 0.25
CA ILE A 448 -64.59 2.22 1.09
C ILE A 448 -64.07 3.38 0.23
N LYS A 449 -63.53 3.07 -0.94
CA LYS A 449 -62.99 4.12 -1.81
C LYS A 449 -64.09 5.06 -2.28
N GLU A 450 -65.17 4.50 -2.83
CA GLU A 450 -66.25 5.34 -3.33
C GLU A 450 -67.03 6.04 -2.22
N THR A 451 -66.90 5.55 -0.98
CA THR A 451 -67.55 6.23 0.14
C THR A 451 -66.78 7.46 0.56
N LEU A 452 -65.45 7.34 0.70
CA LEU A 452 -64.62 8.49 1.05
C LEU A 452 -64.54 9.51 -0.07
N SER A 453 -64.89 9.12 -1.30
CA SER A 453 -64.87 10.07 -2.41
C SER A 453 -66.00 11.09 -2.27
N LYS A 454 -67.22 10.61 -1.97
CA LYS A 454 -68.40 11.46 -1.89
C LYS A 454 -68.55 12.14 -0.53
N THR A 455 -67.47 12.31 0.22
CA THR A 455 -67.54 12.98 1.52
C THR A 455 -66.46 14.05 1.63
N SER B 3 -10.38 -17.97 -25.31
CA SER B 3 -9.71 -17.82 -26.60
C SER B 3 -8.76 -19.00 -26.83
N PRO B 4 -8.64 -19.45 -28.08
CA PRO B 4 -7.80 -20.62 -28.37
C PRO B 4 -6.32 -20.40 -28.15
N ASN B 5 -5.90 -19.18 -27.80
CA ASN B 5 -4.49 -18.91 -27.55
C ASN B 5 -3.98 -19.63 -26.31
N GLY B 6 -4.87 -20.08 -25.42
CA GLY B 6 -4.42 -20.83 -24.26
C GLY B 6 -3.67 -22.09 -24.63
N ASN B 7 -4.21 -22.87 -25.56
CA ASN B 7 -3.49 -24.04 -26.06
C ASN B 7 -2.29 -23.63 -26.91
N LEU B 8 -2.43 -22.55 -27.67
CA LEU B 8 -1.34 -22.09 -28.52
C LEU B 8 -0.14 -21.64 -27.69
N ILE B 9 -0.39 -20.86 -26.64
CA ILE B 9 0.70 -20.38 -25.79
C ILE B 9 1.38 -21.55 -25.07
N ARG B 10 0.59 -22.51 -24.58
CA ARG B 10 1.19 -23.62 -23.84
C ARG B 10 2.01 -24.53 -24.74
N MET B 11 1.59 -24.68 -26.00
CA MET B 11 2.41 -25.45 -26.94
C MET B 11 3.68 -24.70 -27.31
N LEU B 12 3.61 -23.36 -27.38
CA LEU B 12 4.80 -22.56 -27.58
C LEU B 12 5.81 -22.79 -26.45
N VAL B 13 5.31 -22.99 -25.23
CA VAL B 13 6.18 -23.30 -24.10
C VAL B 13 6.87 -24.65 -24.32
N LEU B 14 6.11 -25.64 -24.79
CA LEU B 14 6.69 -26.95 -25.08
C LEU B 14 7.65 -26.87 -26.25
N PHE B 15 7.30 -26.11 -27.29
CA PHE B 15 8.19 -25.94 -28.43
C PHE B 15 9.52 -25.35 -28.01
N PHE B 16 9.52 -24.49 -27.00
CA PHE B 16 10.74 -23.87 -26.49
C PHE B 16 11.45 -24.75 -25.47
N LEU B 17 10.71 -25.25 -24.49
CA LEU B 17 11.33 -25.98 -23.38
C LEU B 17 11.88 -27.35 -23.80
N GLU B 18 11.33 -27.94 -24.85
CA GLU B 18 11.76 -29.26 -25.30
C GLU B 18 12.78 -29.21 -26.43
N SER B 19 13.10 -28.03 -26.95
CA SER B 19 14.16 -27.91 -27.94
C SER B 19 15.55 -28.00 -27.33
N GLU B 20 15.66 -27.97 -26.01
CA GLU B 20 16.92 -28.06 -25.27
C GLU B 20 17.86 -26.90 -25.57
N LEU B 21 17.32 -25.79 -26.08
CA LEU B 21 18.08 -24.56 -26.34
C LEU B 21 17.43 -23.43 -25.55
N HIS B 22 17.66 -23.43 -24.23
CA HIS B 22 16.99 -22.49 -23.34
C HIS B 22 17.63 -21.10 -23.34
N GLU B 23 18.83 -20.96 -23.89
CA GLU B 23 19.43 -19.65 -24.11
C GLU B 23 18.72 -18.87 -25.22
N HIS B 24 17.88 -19.54 -26.01
CA HIS B 24 17.28 -18.97 -27.21
C HIS B 24 15.87 -18.43 -26.99
N ALA B 25 15.55 -17.98 -25.77
CA ALA B 25 14.21 -17.47 -25.52
C ALA B 25 13.95 -16.21 -26.33
N ALA B 26 14.90 -15.27 -26.33
CA ALA B 26 14.73 -14.05 -27.10
C ALA B 26 14.78 -14.31 -28.60
N TYR B 27 15.53 -15.32 -29.03
CA TYR B 27 15.63 -15.60 -30.46
C TYR B 27 14.35 -16.25 -30.99
N LEU B 28 13.72 -17.11 -30.17
CA LEU B 28 12.46 -17.72 -30.57
C LEU B 28 11.37 -16.67 -30.76
N VAL B 29 11.28 -15.72 -29.82
CA VAL B 29 10.27 -14.66 -29.93
C VAL B 29 10.53 -13.80 -31.15
N ASP B 30 11.80 -13.51 -31.44
CA ASP B 30 12.13 -12.64 -32.56
C ASP B 30 11.86 -13.32 -33.90
N SER B 31 12.17 -14.61 -34.01
CA SER B 31 11.96 -15.31 -35.27
C SER B 31 10.47 -15.50 -35.58
N LEU B 32 9.64 -15.57 -34.54
CA LEU B 32 8.19 -15.71 -34.72
C LEU B 32 7.46 -14.38 -34.71
N TRP B 33 8.17 -13.27 -34.58
CA TRP B 33 7.51 -11.99 -34.34
C TRP B 33 6.75 -11.52 -35.57
N GLU B 34 7.31 -11.70 -36.76
CA GLU B 34 6.68 -11.16 -37.96
C GLU B 34 5.38 -11.89 -38.30
N SER B 35 5.27 -13.17 -37.96
CA SER B 35 4.11 -13.96 -38.32
C SER B 35 3.09 -14.11 -37.18
N SER B 36 3.54 -14.11 -35.92
CA SER B 36 2.66 -14.39 -34.79
C SER B 36 2.69 -13.27 -33.76
N GLN B 37 2.86 -12.02 -34.21
CA GLN B 37 2.92 -10.90 -33.27
C GLN B 37 1.62 -10.74 -32.49
N GLU B 38 0.48 -11.03 -33.12
CA GLU B 38 -0.80 -10.91 -32.42
C GLU B 38 -0.91 -11.95 -31.31
N LEU B 39 -0.36 -13.14 -31.52
CA LEU B 39 -0.37 -14.15 -30.48
C LEU B 39 0.65 -13.83 -29.39
N LEU B 40 1.85 -13.41 -29.79
CA LEU B 40 2.91 -13.14 -28.82
C LEU B 40 2.61 -11.93 -27.94
N LYS B 41 1.67 -11.08 -28.34
CA LYS B 41 1.28 -9.92 -27.54
C LYS B 41 -0.02 -10.14 -26.78
N ASP B 42 -0.51 -11.38 -26.72
CA ASP B 42 -1.68 -11.72 -25.92
C ASP B 42 -1.23 -11.96 -24.47
N TRP B 43 -0.78 -10.86 -23.84
CA TRP B 43 -0.28 -10.95 -22.48
C TRP B 43 -1.39 -11.30 -21.50
N GLU B 44 -2.64 -10.94 -21.81
CA GLU B 44 -3.76 -11.29 -20.94
C GLU B 44 -3.93 -12.80 -20.84
N CYS B 45 -3.72 -13.51 -21.95
CA CYS B 45 -3.79 -14.97 -21.92
C CYS B 45 -2.61 -15.59 -21.18
N MET B 46 -1.44 -14.95 -21.25
CA MET B 46 -0.26 -15.50 -20.59
C MET B 46 -0.38 -15.41 -19.08
N THR B 47 -0.86 -14.27 -18.56
CA THR B 47 -1.01 -14.13 -17.12
C THR B 47 -2.13 -14.99 -16.58
N GLU B 48 -3.16 -15.25 -17.39
CA GLU B 48 -4.23 -16.16 -16.96
C GLU B 48 -3.70 -17.58 -16.78
N LEU B 49 -2.79 -18.02 -17.67
CA LEU B 49 -2.20 -19.34 -17.53
C LEU B 49 -1.30 -19.44 -16.31
N LEU B 50 -0.73 -18.32 -15.87
CA LEU B 50 0.19 -18.32 -14.73
C LEU B 50 -0.52 -18.17 -13.39
N LEU B 51 -1.68 -17.51 -13.36
CA LEU B 51 -2.39 -17.25 -12.11
C LEU B 51 -3.53 -18.21 -11.83
N GLU B 52 -4.06 -18.87 -12.87
CA GLU B 52 -5.20 -19.76 -12.69
C GLU B 52 -4.83 -21.21 -13.01
N ALA B 60 -2.77 -27.99 -15.79
CA ALA B 60 -1.74 -28.28 -14.79
C ALA B 60 -0.35 -28.09 -15.40
N MET B 61 0.16 -26.86 -15.33
CA MET B 61 1.48 -26.57 -15.88
C MET B 61 2.57 -27.05 -14.94
N SER B 62 3.66 -27.54 -15.53
CA SER B 62 4.81 -27.99 -14.75
C SER B 62 5.56 -26.78 -14.17
N ASP B 63 6.42 -27.06 -13.20
CA ASP B 63 7.24 -26.01 -12.61
C ASP B 63 8.23 -25.44 -13.62
N ARG B 64 8.89 -26.31 -14.37
CA ARG B 64 9.82 -25.86 -15.40
C ARG B 64 9.11 -25.16 -16.54
N GLN B 65 7.83 -25.45 -16.75
CA GLN B 65 7.08 -24.80 -17.82
C GLN B 65 6.58 -23.42 -17.41
N GLU B 66 6.30 -23.21 -16.12
CA GLU B 66 5.92 -21.89 -15.66
C GLU B 66 7.10 -20.92 -15.75
N SER B 67 8.31 -21.41 -15.46
CA SER B 67 9.51 -20.60 -15.67
C SER B 67 9.66 -20.23 -17.13
N ALA B 68 9.43 -21.18 -18.04
CA ALA B 68 9.57 -20.91 -19.46
C ALA B 68 8.52 -19.90 -19.94
N LEU B 69 7.30 -20.01 -19.43
CA LEU B 69 6.25 -19.07 -19.82
C LEU B 69 6.58 -17.66 -19.33
N ILE B 70 7.12 -17.54 -18.11
CA ILE B 70 7.52 -16.23 -17.61
C ILE B 70 8.67 -15.67 -18.45
N GLU B 71 9.66 -16.51 -18.76
CA GLU B 71 10.79 -16.06 -19.56
C GLU B 71 10.35 -15.65 -20.96
N LEU B 72 9.45 -16.42 -21.57
CA LEU B 72 8.95 -16.06 -22.89
C LEU B 72 8.07 -14.81 -22.83
N MET B 73 7.30 -14.66 -21.76
CA MET B 73 6.43 -13.49 -21.62
C MET B 73 7.25 -12.21 -21.51
N VAL B 74 8.32 -12.24 -20.71
CA VAL B 74 9.18 -11.07 -20.57
C VAL B 74 9.85 -10.72 -21.90
N CYS B 75 10.19 -11.74 -22.68
CA CYS B 75 10.80 -11.49 -24.00
C CYS B 75 9.83 -10.80 -24.94
N THR B 76 8.56 -11.23 -24.94
CA THR B 76 7.57 -10.57 -25.79
C THR B 76 7.36 -9.11 -25.37
N ILE B 77 7.48 -8.81 -24.08
CA ILE B 77 7.33 -7.44 -23.62
C ILE B 77 8.46 -6.57 -24.18
N ARG B 78 9.68 -7.10 -24.18
CA ARG B 78 10.81 -6.32 -24.68
C ARG B 78 10.68 -6.08 -26.18
N GLN B 79 10.39 -7.14 -26.94
CA GLN B 79 10.29 -7.00 -28.40
C GLN B 79 9.17 -6.05 -28.79
N ALA B 80 8.09 -6.01 -28.02
CA ALA B 80 7.01 -5.07 -28.32
C ALA B 80 7.39 -3.65 -27.96
N ALA B 81 8.02 -3.46 -26.78
CA ALA B 81 8.34 -2.11 -26.30
C ALA B 81 9.43 -1.47 -27.14
N GLU B 82 10.48 -2.23 -27.49
CA GLU B 82 11.62 -1.67 -28.20
C GLU B 82 11.47 -1.75 -29.71
N ALA B 83 10.62 -2.66 -30.22
CA ALA B 83 10.29 -2.74 -31.64
C ALA B 83 11.52 -2.97 -32.51
N HIS B 84 12.45 -3.79 -32.02
CA HIS B 84 13.62 -4.16 -32.79
C HIS B 84 14.11 -5.51 -32.30
N PRO B 85 14.84 -6.26 -33.12
CA PRO B 85 15.34 -7.57 -32.71
C PRO B 85 16.24 -7.47 -31.49
N PRO B 86 16.38 -8.55 -30.72
CA PRO B 86 17.21 -8.50 -29.51
C PRO B 86 18.70 -8.42 -29.83
N VAL B 87 19.53 -8.34 -28.79
CA VAL B 87 20.97 -8.28 -28.99
C VAL B 87 21.46 -9.57 -29.63
N GLY B 88 22.20 -9.45 -30.72
CA GLY B 88 22.64 -10.59 -31.49
C GLY B 88 21.85 -10.83 -32.77
N ARG B 89 20.93 -9.95 -33.11
CA ARG B 89 20.11 -10.07 -34.32
C ARG B 89 20.08 -8.71 -35.02
N GLY B 90 20.51 -8.68 -36.27
CA GLY B 90 20.54 -7.45 -37.04
C GLY B 90 21.63 -6.49 -36.59
N LYS B 93 20.85 -1.76 -38.43
CA LYS B 93 19.57 -1.45 -37.82
C LYS B 93 18.47 -1.39 -38.88
N ARG B 94 17.28 -0.94 -38.48
CA ARG B 94 16.13 -0.92 -39.37
C ARG B 94 15.33 0.35 -39.13
N VAL B 95 14.78 0.91 -40.21
CA VAL B 95 13.97 2.11 -40.17
C VAL B 95 12.51 1.71 -40.12
N LEU B 96 11.81 2.09 -39.05
CA LEU B 96 10.42 1.72 -38.90
C LEU B 96 9.51 2.62 -39.72
N THR B 97 8.32 2.11 -40.01
CA THR B 97 7.28 2.89 -40.66
C THR B 97 6.43 3.59 -39.62
N ALA B 98 5.67 4.61 -40.08
CA ALA B 98 4.72 5.27 -39.20
C ALA B 98 3.65 4.31 -38.70
N LYS B 99 3.40 3.23 -39.44
CA LYS B 99 2.48 2.19 -38.97
C LYS B 99 3.12 1.36 -37.87
N GLU B 100 4.36 0.94 -38.06
CA GLU B 100 5.07 0.17 -37.02
C GLU B 100 5.33 1.02 -35.79
N ARG B 101 5.60 2.32 -35.98
CA ARG B 101 5.74 3.22 -34.84
C ARG B 101 4.45 3.37 -34.07
N LYS B 102 3.30 3.33 -34.76
CA LYS B 102 2.02 3.46 -34.10
C LYS B 102 1.72 2.23 -33.23
N THR B 103 1.99 1.03 -33.76
CA THR B 103 1.77 -0.18 -32.98
C THR B 103 2.70 -0.24 -31.76
N GLN B 104 3.93 0.27 -31.91
CA GLN B 104 4.85 0.31 -30.79
C GLN B 104 4.31 1.17 -29.66
N ILE B 105 3.65 2.28 -30.00
CA ILE B 105 3.04 3.12 -28.99
C ILE B 105 1.84 2.42 -28.35
N ASP B 106 1.06 1.71 -29.17
CA ASP B 106 -0.10 0.99 -28.65
C ASP B 106 0.33 -0.21 -27.80
N ASP B 107 1.37 -0.92 -28.24
CA ASP B 107 1.87 -2.04 -27.46
C ASP B 107 2.43 -1.57 -26.12
N ARG B 108 3.13 -0.44 -26.11
CA ARG B 108 3.71 0.07 -24.87
C ARG B 108 2.61 0.45 -23.88
N ASN B 109 1.55 1.08 -24.36
CA ASN B 109 0.45 1.44 -23.48
C ASN B 109 -0.33 0.21 -23.02
N LYS B 110 -0.46 -0.78 -23.91
CA LYS B 110 -1.19 -2.00 -23.56
C LYS B 110 -0.44 -2.80 -22.50
N LEU B 111 0.85 -3.07 -22.74
CA LEU B 111 1.60 -3.88 -21.79
C LEU B 111 1.73 -3.17 -20.44
N THR B 112 1.82 -1.83 -20.45
CA THR B 112 1.95 -1.10 -19.19
C THR B 112 0.67 -1.23 -18.37
N GLU B 113 -0.49 -1.02 -19.00
CA GLU B 113 -1.75 -1.09 -18.26
C GLU B 113 -2.00 -2.49 -17.73
N HIS B 114 -1.75 -3.52 -18.53
CA HIS B 114 -2.06 -4.88 -18.10
C HIS B 114 -1.13 -5.33 -16.97
N PHE B 115 0.17 -5.05 -17.09
CA PHE B 115 1.12 -5.58 -16.12
C PHE B 115 1.26 -4.71 -14.88
N ILE B 116 0.86 -3.44 -14.94
CA ILE B 116 0.72 -2.67 -13.71
C ILE B 116 -0.26 -3.36 -12.77
N ILE B 117 -1.25 -4.05 -13.34
CA ILE B 117 -2.26 -4.73 -12.54
C ILE B 117 -1.77 -6.12 -12.14
N THR B 118 -1.21 -6.87 -13.09
CA THR B 118 -0.95 -8.30 -12.87
C THR B 118 0.41 -8.60 -12.28
N LEU B 119 1.40 -7.72 -12.46
CA LEU B 119 2.73 -8.00 -11.91
C LEU B 119 2.72 -8.18 -10.39
N PRO B 120 2.04 -7.36 -9.59
CA PRO B 120 1.95 -7.67 -8.15
C PRO B 120 1.30 -9.00 -7.87
N MET B 121 0.36 -9.44 -8.71
CA MET B 121 -0.23 -10.77 -8.54
C MET B 121 0.77 -11.86 -8.90
N LEU B 122 1.53 -11.65 -9.97
CA LEU B 122 2.54 -12.63 -10.36
C LEU B 122 3.65 -12.74 -9.33
N LEU B 123 4.09 -11.60 -8.78
CA LEU B 123 5.11 -11.63 -7.74
C LEU B 123 4.59 -12.27 -6.46
N SER B 124 3.29 -12.15 -6.18
CA SER B 124 2.75 -12.74 -4.97
C SER B 124 2.68 -14.26 -5.07
N LYS B 125 2.30 -14.79 -6.24
CA LYS B 125 2.15 -16.23 -6.38
C LYS B 125 3.50 -16.94 -6.39
N TYR B 126 4.49 -16.35 -7.05
CA TYR B 126 5.81 -16.95 -7.18
C TYR B 126 6.86 -16.26 -6.32
N SER B 127 6.45 -15.75 -5.15
CA SER B 127 7.36 -14.96 -4.31
C SER B 127 8.51 -15.81 -3.79
N ALA B 128 8.30 -17.12 -3.61
CA ALA B 128 9.34 -17.97 -3.06
C ALA B 128 10.34 -18.44 -4.12
N ASP B 129 10.01 -18.31 -5.40
CA ASP B 129 10.88 -18.78 -6.47
C ASP B 129 11.84 -17.65 -6.85
N ALA B 130 13.13 -17.89 -6.64
CA ALA B 130 14.12 -16.84 -6.84
C ALA B 130 14.23 -16.43 -8.31
N GLU B 131 14.42 -17.41 -9.20
CA GLU B 131 14.67 -17.08 -10.60
C GLU B 131 13.41 -16.58 -11.29
N LYS B 132 12.22 -16.94 -10.79
CA LYS B 132 10.99 -16.42 -11.39
C LYS B 132 10.78 -14.96 -11.01
N VAL B 133 11.07 -14.60 -9.76
CA VAL B 133 10.91 -13.22 -9.32
C VAL B 133 11.87 -12.31 -10.07
N ALA B 134 13.14 -12.72 -10.18
CA ALA B 134 14.12 -11.92 -10.89
C ALA B 134 13.71 -11.70 -12.34
N ASN B 135 13.09 -12.71 -12.96
CA ASN B 135 12.62 -12.56 -14.33
C ASN B 135 11.42 -11.62 -14.39
N LEU B 136 10.50 -11.72 -13.43
CA LEU B 136 9.33 -10.86 -13.41
C LEU B 136 9.71 -9.39 -13.20
N LEU B 137 10.78 -9.14 -12.44
CA LEU B 137 11.18 -7.77 -12.13
C LEU B 137 11.87 -7.09 -13.31
N GLN B 138 12.12 -7.79 -14.41
CA GLN B 138 12.59 -7.17 -15.64
C GLN B 138 11.49 -6.47 -16.41
N ILE B 139 10.25 -6.53 -15.93
CA ILE B 139 9.08 -5.99 -16.62
C ILE B 139 8.93 -4.48 -16.40
N PRO B 140 9.00 -3.96 -15.16
CA PRO B 140 8.74 -2.53 -14.96
C PRO B 140 9.62 -1.60 -15.80
N GLN B 141 10.80 -2.06 -16.24
CA GLN B 141 11.68 -1.20 -17.03
C GLN B 141 11.09 -0.84 -18.39
N TYR B 142 10.06 -1.56 -18.84
CA TYR B 142 9.40 -1.25 -20.11
C TYR B 142 8.10 -0.47 -19.92
N PHE B 143 7.71 -0.20 -18.68
CA PHE B 143 6.52 0.60 -18.42
C PHE B 143 6.70 2.02 -18.93
N ASP B 144 5.60 2.60 -19.43
CA ASP B 144 5.48 4.05 -19.56
C ASP B 144 4.93 4.54 -18.23
N LEU B 145 5.83 4.98 -17.34
CA LEU B 145 5.47 5.27 -15.96
C LEU B 145 4.42 6.37 -15.82
N GLU B 146 4.17 7.13 -16.89
CA GLU B 146 3.10 8.12 -16.84
C GLU B 146 1.74 7.48 -16.56
N ILE B 147 1.53 6.27 -17.09
CA ILE B 147 0.25 5.59 -16.98
C ILE B 147 -0.13 5.32 -15.53
N TYR B 148 0.86 5.21 -14.64
CA TYR B 148 0.56 5.11 -13.21
C TYR B 148 -0.26 6.29 -12.73
N SER B 149 -0.04 7.49 -13.29
CA SER B 149 -0.79 8.68 -12.92
C SER B 149 -1.94 8.96 -13.89
N THR B 150 -1.66 9.03 -15.19
CA THR B 150 -2.70 9.35 -16.17
C THR B 150 -3.81 8.32 -16.17
N GLY B 151 -3.48 7.05 -15.86
CA GLY B 151 -4.49 6.03 -15.68
C GLY B 151 -5.02 5.91 -14.28
N ARG B 152 -4.44 6.64 -13.33
CA ARG B 152 -4.86 6.63 -11.93
C ARG B 152 -4.91 5.23 -11.36
N MET B 153 -3.78 4.52 -11.49
CA MET B 153 -3.61 3.19 -10.92
C MET B 153 -2.53 3.20 -9.85
N GLU B 154 -2.51 4.25 -9.03
CA GLU B 154 -1.55 4.34 -7.94
C GLU B 154 -1.75 3.23 -6.91
N LYS B 155 -2.96 2.67 -6.81
CA LYS B 155 -3.20 1.57 -5.89
C LYS B 155 -2.48 0.30 -6.33
N HIS B 156 -2.23 0.14 -7.63
CA HIS B 156 -1.45 -0.99 -8.11
C HIS B 156 0.04 -0.78 -7.90
N LEU B 157 0.49 0.48 -7.91
CA LEU B 157 1.87 0.77 -7.52
C LEU B 157 2.09 0.42 -6.04
N ASP B 158 1.09 0.70 -5.20
CA ASP B 158 1.17 0.30 -3.80
C ASP B 158 1.28 -1.20 -3.66
N ALA B 159 0.61 -1.96 -4.52
CA ALA B 159 0.70 -3.41 -4.46
C ALA B 159 2.07 -3.90 -4.93
N LEU B 160 2.63 -3.26 -5.96
CA LEU B 160 3.96 -3.64 -6.43
C LEU B 160 5.01 -3.39 -5.35
N LEU B 161 4.98 -2.20 -4.75
CA LEU B 161 5.94 -1.88 -3.69
C LEU B 161 5.81 -2.81 -2.50
N LYS B 162 4.59 -3.25 -2.20
CA LYS B 162 4.39 -4.16 -1.07
C LYS B 162 4.93 -5.57 -1.38
N GLN B 163 4.89 -5.97 -2.65
CA GLN B 163 5.39 -7.29 -3.02
C GLN B 163 6.90 -7.31 -3.15
N ILE B 164 7.48 -6.22 -3.64
CA ILE B 164 8.94 -6.09 -3.67
C ILE B 164 9.49 -6.18 -2.24
N LYS B 165 8.80 -5.54 -1.30
CA LYS B 165 9.20 -5.64 0.10
C LYS B 165 9.08 -7.08 0.60
N PHE B 166 7.98 -7.76 0.26
CA PHE B 166 7.81 -9.16 0.65
C PHE B 166 8.92 -10.03 0.07
N VAL B 167 9.32 -9.77 -1.18
CA VAL B 167 10.33 -10.60 -1.82
C VAL B 167 11.70 -10.37 -1.21
N VAL B 168 12.09 -9.09 -1.08
CA VAL B 168 13.44 -8.78 -0.59
C VAL B 168 13.61 -9.19 0.87
N GLU B 169 12.51 -9.26 1.63
CA GLU B 169 12.59 -9.58 3.04
C GLU B 169 13.13 -10.99 3.28
N LYS B 170 12.79 -11.93 2.41
CA LYS B 170 13.07 -13.35 2.66
C LYS B 170 14.10 -13.95 1.72
N HIS B 171 14.54 -13.23 0.71
CA HIS B 171 15.50 -13.76 -0.26
C HIS B 171 16.91 -13.28 0.04
N VAL B 172 17.88 -14.02 -0.46
CA VAL B 172 19.29 -13.72 -0.27
C VAL B 172 20.00 -13.75 -1.62
N GLU B 173 19.47 -14.56 -2.55
CA GLU B 173 20.07 -14.72 -3.88
C GLU B 173 20.30 -13.36 -4.52
N SER B 174 21.52 -13.15 -5.04
CA SER B 174 21.95 -11.82 -5.44
C SER B 174 21.14 -11.28 -6.61
N ASP B 175 20.76 -12.15 -7.55
CA ASP B 175 19.97 -11.69 -8.69
C ASP B 175 18.60 -11.21 -8.25
N VAL B 176 18.04 -11.79 -7.19
CA VAL B 176 16.75 -11.34 -6.68
C VAL B 176 16.88 -9.95 -6.06
N LEU B 177 17.87 -9.78 -5.18
CA LEU B 177 18.07 -8.49 -4.52
C LEU B 177 18.46 -7.42 -5.52
N GLU B 178 19.29 -7.75 -6.50
CA GLU B 178 19.68 -6.79 -7.51
C GLU B 178 18.49 -6.33 -8.33
N ALA B 179 17.57 -7.26 -8.63
CA ALA B 179 16.38 -6.90 -9.40
C ALA B 179 15.46 -6.01 -8.59
N CYS B 180 15.32 -6.27 -7.29
CA CYS B 180 14.50 -5.40 -6.44
C CYS B 180 15.10 -4.00 -6.35
N SER B 181 16.42 -3.91 -6.31
CA SER B 181 17.08 -2.61 -6.25
C SER B 181 16.95 -1.87 -7.58
N LYS B 182 17.08 -2.59 -8.70
CA LYS B 182 16.94 -1.96 -10.01
C LYS B 182 15.51 -1.49 -10.26
N THR B 183 14.53 -2.27 -9.80
CA THR B 183 13.14 -1.87 -9.98
C THR B 183 12.83 -0.61 -9.19
N TYR B 184 13.38 -0.49 -7.98
CA TYR B 184 13.18 0.73 -7.20
C TYR B 184 13.84 1.92 -7.88
N SER B 185 15.01 1.72 -8.49
CA SER B 185 15.69 2.82 -9.16
C SER B 185 14.87 3.35 -10.33
N ILE B 186 14.16 2.45 -11.03
CA ILE B 186 13.30 2.87 -12.13
C ILE B 186 12.07 3.59 -11.59
N LEU B 187 11.55 3.15 -10.45
CA LEU B 187 10.30 3.69 -9.92
C LEU B 187 10.49 5.13 -9.44
N CYS B 188 11.41 5.34 -8.50
CA CYS B 188 11.66 6.67 -7.95
C CYS B 188 12.64 7.47 -8.79
N SER B 189 12.51 7.42 -10.11
CA SER B 189 13.39 8.15 -11.02
C SER B 189 13.27 9.66 -10.83
N TYR B 192 8.87 11.78 -12.34
CA TYR B 192 7.42 11.70 -12.41
C TYR B 192 6.77 12.14 -11.11
N THR B 193 5.45 12.35 -11.14
CA THR B 193 4.69 12.59 -9.93
C THR B 193 4.57 11.34 -9.06
N ILE B 194 4.92 10.18 -9.60
CA ILE B 194 4.96 8.93 -8.83
C ILE B 194 6.12 8.93 -7.84
N GLN B 195 7.13 9.78 -8.06
CA GLN B 195 8.40 9.67 -7.35
C GLN B 195 8.23 9.72 -5.84
N ASN B 196 7.37 10.60 -5.34
CA ASN B 196 7.26 10.78 -3.90
C ASN B 196 6.65 9.56 -3.22
N ARG B 197 5.74 8.86 -3.90
CA ARG B 197 5.06 7.72 -3.28
C ARG B 197 6.04 6.57 -3.03
N VAL B 198 6.96 6.34 -3.95
CA VAL B 198 7.92 5.25 -3.80
C VAL B 198 9.05 5.63 -2.85
N ASP B 199 9.40 6.92 -2.77
CA ASP B 199 10.45 7.35 -1.85
C ASP B 199 10.11 6.99 -0.41
N ILE B 200 8.86 7.19 0.00
CA ILE B 200 8.44 6.85 1.35
C ILE B 200 8.52 5.34 1.56
N ALA B 201 8.12 4.57 0.53
CA ALA B 201 8.24 3.11 0.62
C ALA B 201 9.70 2.67 0.64
N ARG B 202 10.57 3.38 -0.07
CA ARG B 202 11.98 3.02 -0.07
C ARG B 202 12.61 3.30 1.30
N SER B 203 12.35 4.49 1.85
CA SER B 203 12.90 4.83 3.16
C SER B 203 12.34 3.94 4.25
N GLN B 204 11.08 3.51 4.12
CA GLN B 204 10.51 2.57 5.08
C GLN B 204 11.22 1.22 5.01
N LEU B 205 11.54 0.78 3.80
CA LEU B 205 12.21 -0.51 3.64
C LEU B 205 13.64 -0.46 4.16
N ILE B 206 14.37 0.62 3.86
CA ILE B 206 15.75 0.72 4.31
C ILE B 206 15.82 0.85 5.83
N ASP B 207 14.86 1.57 6.42
CA ASP B 207 14.84 1.71 7.88
C ASP B 207 14.68 0.33 8.55
N GLU B 208 13.87 -0.55 7.96
CA GLU B 208 13.75 -1.89 8.50
C GLU B 208 15.01 -2.70 8.25
N PHE B 209 15.63 -2.51 7.09
CA PHE B 209 16.91 -3.17 6.80
C PHE B 209 17.97 -2.78 7.84
N VAL B 210 18.17 -1.47 8.02
CA VAL B 210 19.24 -0.99 8.90
C VAL B 210 18.99 -1.42 10.34
N ASP B 211 17.74 -1.39 10.78
CA ASP B 211 17.43 -1.77 12.16
C ASP B 211 17.72 -3.25 12.39
N ARG B 212 17.34 -4.12 11.45
CA ARG B 212 17.66 -5.53 11.60
C ARG B 212 19.15 -5.79 11.45
N PHE B 213 19.83 -5.00 10.62
CA PHE B 213 21.27 -5.17 10.44
C PHE B 213 22.04 -4.67 11.66
N ASN B 214 21.60 -3.55 12.24
CA ASN B 214 22.27 -3.03 13.43
C ASN B 214 22.11 -3.97 14.61
N HIS B 215 20.92 -4.54 14.79
CA HIS B 215 20.73 -5.51 15.85
C HIS B 215 21.51 -6.79 15.59
N SER B 216 21.61 -7.19 14.32
CA SER B 216 22.32 -8.43 13.99
C SER B 216 23.79 -8.34 14.34
N VAL B 217 24.44 -7.21 14.05
CA VAL B 217 25.86 -7.08 14.35
C VAL B 217 26.08 -6.87 15.84
N GLU B 218 25.09 -6.33 16.55
CA GLU B 218 25.22 -6.18 18.00
C GLU B 218 25.19 -7.53 18.69
N ASP B 219 24.29 -8.42 18.24
CA ASP B 219 24.26 -9.77 18.81
C ASP B 219 25.44 -10.61 18.33
N LEU B 220 25.98 -10.31 17.15
CA LEU B 220 27.10 -11.08 16.63
C LEU B 220 28.41 -10.70 17.32
N LEU B 221 28.68 -9.39 17.43
CA LEU B 221 29.96 -8.95 17.99
C LEU B 221 30.03 -9.07 19.50
N GLN B 222 28.90 -9.11 20.20
CA GLN B 222 28.95 -9.32 21.64
C GLN B 222 29.05 -10.80 21.98
N GLU B 223 28.46 -11.67 21.16
CA GLU B 223 28.74 -13.10 21.21
C GLU B 223 29.99 -13.39 20.38
N GLY B 224 31.12 -12.93 20.92
CA GLY B 224 32.36 -12.91 20.15
C GLY B 224 32.69 -14.26 19.53
N GLU B 225 32.61 -15.32 20.32
CA GLU B 225 32.75 -16.68 19.79
C GLU B 225 31.57 -17.57 20.14
N GLU B 226 30.65 -17.10 20.99
CA GLU B 226 29.42 -17.82 21.28
C GLU B 226 28.41 -17.72 20.15
N ALA B 227 28.61 -16.82 19.18
CA ALA B 227 27.69 -16.69 18.06
C ALA B 227 27.69 -17.96 17.23
N ASP B 228 26.50 -18.46 16.93
CA ASP B 228 26.32 -19.68 16.15
C ASP B 228 25.99 -19.31 14.71
N ASP B 229 25.54 -20.30 13.93
CA ASP B 229 25.25 -20.08 12.53
C ASP B 229 24.03 -19.18 12.33
N ASP B 230 23.18 -19.04 13.34
CA ASP B 230 22.02 -18.17 13.22
C ASP B 230 22.41 -16.70 13.35
N ASP B 231 23.37 -16.38 14.20
CA ASP B 231 23.86 -15.01 14.29
C ASP B 231 24.56 -14.61 13.00
N ILE B 232 25.26 -15.56 12.37
CA ILE B 232 25.99 -15.27 11.14
C ILE B 232 25.02 -15.01 9.99
N TYR B 233 23.94 -15.79 9.91
CA TYR B 233 22.97 -15.59 8.83
C TYR B 233 22.28 -14.24 8.96
N ASN B 234 21.93 -13.83 10.19
CA ASN B 234 21.24 -12.56 10.37
C ASN B 234 22.11 -11.39 9.91
N VAL B 235 23.41 -11.44 10.17
CA VAL B 235 24.30 -10.39 9.72
C VAL B 235 24.45 -10.43 8.20
N LEU B 236 24.73 -11.61 7.65
CA LEU B 236 24.97 -11.73 6.21
C LEU B 236 23.73 -11.35 5.42
N SER B 237 22.57 -11.88 5.80
CA SER B 237 21.35 -11.63 5.04
C SER B 237 20.97 -10.16 5.07
N THR B 238 21.02 -9.53 6.24
CA THR B 238 20.66 -8.12 6.35
C THR B 238 21.69 -7.23 5.65
N LEU B 239 22.98 -7.58 5.76
CA LEU B 239 24.01 -6.80 5.09
C LEU B 239 23.96 -7.00 3.57
N LYS B 240 23.63 -8.21 3.13
CA LYS B 240 23.56 -8.49 1.71
C LYS B 240 22.44 -7.69 1.04
N ARG B 241 21.34 -7.49 1.76
CA ARG B 241 20.24 -6.70 1.20
C ARG B 241 20.62 -5.23 1.11
N LEU B 242 21.24 -4.69 2.16
CA LEU B 242 21.68 -3.30 2.13
C LEU B 242 22.77 -3.07 1.09
N THR B 243 23.71 -4.01 0.98
CA THR B 243 24.78 -3.87 -0.01
C THR B 243 24.21 -3.87 -1.43
N SER B 244 23.21 -4.71 -1.68
CA SER B 244 22.62 -4.76 -3.02
C SER B 244 21.93 -3.46 -3.38
N PHE B 245 21.33 -2.79 -2.39
CA PHE B 245 20.66 -1.52 -2.63
C PHE B 245 21.62 -0.35 -2.66
N HIS B 246 22.75 -0.45 -1.93
CA HIS B 246 23.68 0.67 -1.84
C HIS B 246 24.35 0.98 -3.17
N ASN B 247 24.35 0.03 -4.11
CA ASN B 247 24.95 0.29 -5.43
C ASN B 247 24.20 1.38 -6.16
N ALA B 248 22.86 1.29 -6.21
CA ALA B 248 22.05 2.22 -6.97
C ALA B 248 21.35 3.26 -6.10
N HIS B 249 21.27 3.06 -4.79
CA HIS B 249 20.55 3.94 -3.89
C HIS B 249 21.52 4.58 -2.90
N ASP B 250 21.41 5.89 -2.75
CA ASP B 250 22.25 6.63 -1.80
C ASP B 250 21.74 6.38 -0.38
N LEU B 251 22.47 5.57 0.39
CA LEU B 251 22.08 5.21 1.74
C LEU B 251 22.99 5.82 2.80
N THR B 252 23.67 6.93 2.47
CA THR B 252 24.61 7.53 3.41
C THR B 252 23.92 8.13 4.63
N LYS B 253 22.63 8.49 4.51
CA LYS B 253 21.89 8.95 5.68
C LYS B 253 21.94 7.93 6.81
N TRP B 254 21.86 6.66 6.46
CA TRP B 254 22.12 5.59 7.42
C TRP B 254 23.62 5.34 7.51
N ASP B 255 24.13 5.19 8.73
CA ASP B 255 25.57 5.06 8.96
C ASP B 255 25.99 3.59 8.81
N LEU B 256 25.98 3.15 7.55
CA LEU B 256 26.35 1.77 7.25
C LEU B 256 27.85 1.54 7.30
N PHE B 257 28.64 2.58 6.96
CA PHE B 257 30.09 2.43 7.01
C PHE B 257 30.57 2.13 8.42
N GLY B 258 29.91 2.70 9.43
CA GLY B 258 30.33 2.48 10.79
C GLY B 258 30.24 1.03 11.21
N ASN B 259 29.10 0.39 10.96
CA ASN B 259 28.93 -1.00 11.34
C ASN B 259 29.74 -1.93 10.46
N CYS B 260 29.89 -1.60 9.17
CA CYS B 260 30.74 -2.41 8.31
C CYS B 260 32.20 -2.29 8.71
N TYR B 261 32.60 -1.13 9.23
CA TYR B 261 33.98 -0.97 9.71
C TYR B 261 34.23 -1.83 10.94
N ARG B 262 33.25 -1.91 11.84
CA ARG B 262 33.39 -2.75 13.02
C ARG B 262 33.52 -4.22 12.64
N LEU B 263 32.72 -4.67 11.67
CA LEU B 263 32.81 -6.06 11.22
C LEU B 263 34.17 -6.34 10.59
N LEU B 264 34.68 -5.39 9.81
CA LEU B 264 35.95 -5.60 9.13
C LEU B 264 37.12 -5.57 10.10
N LYS B 265 37.09 -4.67 11.08
CA LYS B 265 38.16 -4.63 12.08
C LYS B 265 38.12 -5.87 12.96
N THR B 266 36.92 -6.35 13.30
CA THR B 266 36.81 -7.57 14.10
C THR B 266 37.35 -8.77 13.35
N GLY B 267 37.11 -8.83 12.03
CA GLY B 267 37.67 -9.91 11.23
C GLY B 267 39.17 -9.83 11.09
N ILE B 268 39.72 -8.62 11.05
CA ILE B 268 41.17 -8.45 10.97
C ILE B 268 41.81 -8.80 12.31
N GLU B 269 41.17 -8.42 13.41
CA GLU B 269 41.77 -8.59 14.73
C GLU B 269 41.78 -10.05 15.18
N HIS B 270 40.84 -10.87 14.71
CA HIS B 270 40.74 -12.24 15.18
C HIS B 270 40.69 -13.29 14.07
N GLY B 271 40.46 -12.91 12.82
CA GLY B 271 40.43 -13.87 11.74
C GLY B 271 39.28 -14.86 11.82
N ALA B 272 38.20 -14.53 12.51
CA ALA B 272 37.07 -15.43 12.67
C ALA B 272 35.82 -14.99 11.92
N MET B 273 35.83 -13.81 11.31
CA MET B 273 34.65 -13.34 10.59
C MET B 273 34.44 -14.20 9.34
N PRO B 274 33.22 -14.66 9.08
CA PRO B 274 32.98 -15.48 7.88
C PRO B 274 33.34 -14.74 6.60
N GLU B 275 33.59 -15.53 5.56
CA GLU B 275 34.15 -15.00 4.32
C GLU B 275 33.21 -14.02 3.64
N GLN B 276 31.94 -14.41 3.46
CA GLN B 276 31.01 -13.55 2.72
C GLN B 276 30.58 -12.34 3.51
N ILE B 277 30.62 -12.39 4.84
CA ILE B 277 30.35 -11.19 5.63
C ILE B 277 31.44 -10.15 5.39
N VAL B 278 32.70 -10.60 5.28
CA VAL B 278 33.78 -9.68 4.98
C VAL B 278 33.63 -9.11 3.57
N VAL B 279 33.25 -9.96 2.61
CA VAL B 279 33.10 -9.49 1.23
C VAL B 279 31.99 -8.45 1.14
N GLN B 280 30.84 -8.74 1.76
CA GLN B 280 29.72 -7.80 1.72
C GLN B 280 30.05 -6.53 2.48
N ALA B 281 30.77 -6.63 3.59
CA ALA B 281 31.15 -5.44 4.35
C ALA B 281 32.12 -4.58 3.55
N LEU B 282 33.05 -5.20 2.83
CA LEU B 282 33.97 -4.45 1.98
C LEU B 282 33.21 -3.73 0.87
N GLN B 283 32.27 -4.43 0.23
CA GLN B 283 31.55 -3.83 -0.90
C GLN B 283 30.61 -2.73 -0.43
N CYS B 284 29.97 -2.91 0.71
CA CYS B 284 29.05 -1.88 1.21
C CYS B 284 29.79 -0.62 1.60
N SER B 285 30.94 -0.76 2.27
CA SER B 285 31.75 0.42 2.61
C SER B 285 32.22 1.14 1.35
N HIS B 286 32.52 0.39 0.29
CA HIS B 286 32.92 1.00 -0.97
C HIS B 286 31.78 1.83 -1.56
N TYR B 287 30.56 1.29 -1.54
CA TYR B 287 29.41 2.02 -2.06
C TYR B 287 29.16 3.30 -1.26
N SER B 288 29.30 3.23 0.07
CA SER B 288 29.13 4.41 0.90
C SER B 288 30.13 5.50 0.53
N ILE B 289 31.39 5.10 0.28
CA ILE B 289 32.42 6.07 -0.08
C ILE B 289 32.13 6.70 -1.43
N LEU B 290 31.68 5.89 -2.40
CA LEU B 290 31.37 6.42 -3.73
C LEU B 290 30.23 7.43 -3.67
N TRP B 291 29.23 7.17 -2.81
CA TRP B 291 28.12 8.11 -2.68
C TRP B 291 28.52 9.36 -1.94
N GLN B 292 29.44 9.26 -0.97
CA GLN B 292 29.93 10.45 -0.29
C GLN B 292 30.74 11.32 -1.24
N LEU B 293 31.47 10.71 -2.17
CA LEU B 293 32.21 11.48 -3.16
C LEU B 293 31.27 12.19 -4.13
N VAL B 294 30.16 11.54 -4.50
CA VAL B 294 29.19 12.17 -5.38
C VAL B 294 28.60 13.41 -4.72
N LYS B 295 28.30 13.32 -3.42
CA LYS B 295 27.82 14.48 -2.68
C LYS B 295 28.83 15.61 -2.72
N ILE B 296 30.12 15.29 -2.76
CA ILE B 296 31.16 16.32 -2.78
C ILE B 296 31.35 16.87 -4.18
N THR B 297 31.46 15.99 -5.18
CA THR B 297 31.70 16.44 -6.55
C THR B 297 30.48 17.16 -7.14
N ASP B 298 29.28 16.75 -6.76
CA ASP B 298 28.06 17.38 -7.24
C ASP B 298 27.53 18.41 -6.24
N GLY B 299 28.39 19.32 -5.82
CA GLY B 299 27.99 20.34 -4.87
C GLY B 299 29.14 21.28 -4.56
N SER B 300 28.99 21.98 -3.44
CA SER B 300 29.99 22.94 -2.96
C SER B 300 30.44 22.49 -1.57
N PRO B 301 31.46 21.64 -1.49
CA PRO B 301 31.90 21.12 -0.19
C PRO B 301 32.86 22.06 0.52
N SER B 302 32.73 22.10 1.84
CA SER B 302 33.65 22.85 2.67
C SER B 302 34.95 22.07 2.84
N LYS B 303 35.93 22.74 3.48
CA LYS B 303 37.21 22.07 3.76
C LYS B 303 37.02 20.93 4.75
N GLU B 304 36.12 21.10 5.71
CA GLU B 304 35.88 20.05 6.70
C GLU B 304 35.26 18.82 6.04
N ASP B 305 34.36 19.02 5.08
CA ASP B 305 33.75 17.90 4.36
C ASP B 305 34.81 17.05 3.67
N LEU B 306 35.82 17.70 3.09
CA LEU B 306 36.88 16.97 2.41
C LEU B 306 37.74 16.19 3.40
N LEU B 307 38.03 16.79 4.55
CA LEU B 307 38.88 16.11 5.54
C LEU B 307 38.17 14.91 6.15
N VAL B 308 36.86 15.01 6.35
CA VAL B 308 36.11 13.89 6.92
C VAL B 308 36.12 12.69 5.98
N LEU B 309 35.87 12.94 4.69
CA LEU B 309 35.89 11.85 3.72
C LEU B 309 37.30 11.28 3.56
N ARG B 310 38.31 12.15 3.54
CA ARG B 310 39.69 11.68 3.47
C ARG B 310 40.01 10.74 4.62
N LYS B 311 39.61 11.12 5.84
CA LYS B 311 39.81 10.25 6.99
C LYS B 311 39.07 8.93 6.82
N THR B 312 37.92 8.95 6.15
CA THR B 312 37.19 7.71 5.89
C THR B 312 37.89 6.86 4.84
N VAL B 313 38.39 7.49 3.78
CA VAL B 313 39.06 6.74 2.71
C VAL B 313 40.36 6.13 3.21
N LYS B 314 41.11 6.87 4.04
CA LYS B 314 42.35 6.34 4.59
C LYS B 314 42.09 5.07 5.39
N SER B 315 41.06 5.09 6.23
CA SER B 315 40.75 3.93 7.07
C SER B 315 40.36 2.73 6.22
N PHE B 316 39.56 2.95 5.18
CA PHE B 316 39.11 1.84 4.35
C PHE B 316 40.25 1.29 3.49
N LEU B 317 41.12 2.18 3.01
CA LEU B 317 42.29 1.72 2.26
C LEU B 317 43.18 0.83 3.13
N ALA B 318 43.36 1.21 4.39
CA ALA B 318 44.15 0.38 5.30
C ALA B 318 43.47 -0.96 5.55
N VAL B 319 42.14 -0.97 5.67
CA VAL B 319 41.42 -2.22 5.88
C VAL B 319 41.54 -3.11 4.65
N CYS B 320 41.43 -2.52 3.45
CA CYS B 320 41.53 -3.32 2.23
C CYS B 320 42.93 -3.90 2.07
N GLN B 321 43.97 -3.13 2.41
CA GLN B 321 45.33 -3.66 2.33
C GLN B 321 45.54 -4.77 3.35
N GLN B 322 44.96 -4.62 4.55
CA GLN B 322 45.02 -5.68 5.54
C GLN B 322 44.23 -6.90 5.10
N CYS B 323 43.15 -6.71 4.33
CA CYS B 323 42.38 -7.84 3.83
C CYS B 323 43.11 -8.61 2.73
N LEU B 324 44.17 -8.04 2.15
CA LEU B 324 45.00 -8.79 1.22
C LEU B 324 45.72 -9.95 1.90
N SER B 325 45.86 -9.90 3.22
CA SER B 325 46.47 -10.97 4.00
C SER B 325 45.46 -11.94 4.57
N ASN B 326 44.18 -11.81 4.20
CA ASN B 326 43.17 -12.74 4.67
C ASN B 326 43.38 -14.12 4.05
N VAL B 327 42.91 -15.15 4.77
CA VAL B 327 43.15 -16.52 4.33
C VAL B 327 42.23 -16.93 3.18
N ASN B 328 41.09 -16.27 3.00
CA ASN B 328 40.13 -16.65 1.96
C ASN B 328 40.45 -15.90 0.67
N THR B 329 40.46 -16.63 -0.45
CA THR B 329 40.82 -16.01 -1.73
C THR B 329 39.78 -15.01 -2.20
N PRO B 330 38.47 -15.28 -2.16
CA PRO B 330 37.50 -14.23 -2.53
C PRO B 330 37.63 -12.96 -1.68
N VAL B 331 38.08 -13.08 -0.44
CA VAL B 331 38.34 -11.89 0.35
C VAL B 331 39.56 -11.14 -0.19
N LYS B 332 40.60 -11.88 -0.59
CA LYS B 332 41.74 -11.24 -1.25
C LYS B 332 41.32 -10.59 -2.57
N GLU B 333 40.52 -11.30 -3.36
CA GLU B 333 40.12 -10.78 -4.67
C GLU B 333 39.25 -9.53 -4.52
N GLN B 334 38.35 -9.53 -3.54
CA GLN B 334 37.49 -8.36 -3.34
C GLN B 334 38.30 -7.15 -2.91
N ALA B 335 39.20 -7.33 -1.93
CA ALA B 335 40.01 -6.22 -1.44
C ALA B 335 40.92 -5.68 -2.53
N PHE B 336 41.43 -6.56 -3.39
CA PHE B 336 42.31 -6.12 -4.47
C PHE B 336 41.55 -5.29 -5.50
N MET B 337 40.36 -5.73 -5.89
CA MET B 337 39.57 -4.98 -6.87
C MET B 337 39.15 -3.63 -6.32
N LEU B 338 38.79 -3.58 -5.04
CA LEU B 338 38.41 -2.30 -4.44
C LEU B 338 39.59 -1.35 -4.34
N LEU B 339 40.77 -1.87 -3.99
CA LEU B 339 41.96 -1.04 -3.91
C LEU B 339 42.28 -0.40 -5.27
N CYS B 340 42.33 -1.22 -6.32
CA CYS B 340 42.64 -0.70 -7.65
C CYS B 340 41.59 0.30 -8.12
N ASP B 341 40.33 0.10 -7.73
CA ASP B 341 39.28 1.05 -8.11
C ASP B 341 39.40 2.33 -7.30
N LEU B 342 39.77 2.23 -6.02
CA LEU B 342 39.88 3.41 -5.18
C LEU B 342 41.11 4.24 -5.57
N LEU B 343 42.23 3.59 -5.88
CA LEU B 343 43.41 4.33 -6.28
C LEU B 343 43.19 5.06 -7.60
N MET B 344 42.37 4.50 -8.49
CA MET B 344 42.05 5.18 -9.74
C MET B 344 41.09 6.35 -9.51
N ILE B 345 40.13 6.18 -8.60
CA ILE B 345 39.17 7.24 -8.32
C ILE B 345 39.81 8.37 -7.52
N PHE B 346 40.58 8.02 -6.49
CA PHE B 346 41.22 9.03 -5.65
C PHE B 346 42.67 9.23 -6.09
N SER B 347 42.81 9.85 -7.26
CA SER B 347 44.11 10.18 -7.83
C SER B 347 44.01 11.57 -8.44
N HIS B 348 45.01 11.92 -9.25
CA HIS B 348 45.02 13.22 -9.91
C HIS B 348 43.93 13.34 -10.96
N GLN B 349 43.35 12.22 -11.40
CA GLN B 349 42.20 12.27 -12.31
C GLN B 349 40.99 12.91 -11.65
N LEU B 350 40.93 12.90 -10.31
CA LEU B 350 39.83 13.54 -9.60
C LEU B 350 39.89 15.06 -9.72
N MET B 351 41.06 15.63 -9.99
CA MET B 351 41.21 17.07 -10.08
C MET B 351 41.04 17.61 -11.50
N THR B 352 41.43 16.83 -12.50
CA THR B 352 41.34 17.28 -13.89
C THR B 352 39.89 17.52 -14.28
N GLY B 353 39.59 18.74 -14.73
CA GLY B 353 38.24 19.11 -15.09
C GLY B 353 37.76 20.35 -14.35
N GLY B 354 38.70 21.22 -13.98
CA GLY B 354 38.34 22.41 -13.24
C GLY B 354 37.91 22.17 -11.82
N ARG B 355 38.50 21.16 -11.15
CA ARG B 355 38.15 20.80 -9.79
C ARG B 355 39.43 20.59 -8.98
N GLU B 356 40.23 21.65 -8.85
CA GLU B 356 41.48 21.58 -8.10
C GLU B 356 41.28 21.66 -6.60
N GLY B 357 40.09 22.06 -6.14
CA GLY B 357 39.81 22.09 -4.72
C GLY B 357 39.70 20.71 -4.07
N LEU B 358 39.71 19.66 -4.87
CA LEU B 358 39.67 18.29 -4.37
C LEU B 358 41.05 17.70 -4.17
N GLN B 359 42.08 18.55 -4.05
CA GLN B 359 43.43 18.05 -3.80
C GLN B 359 43.56 17.23 -2.52
N PRO B 360 42.94 17.59 -1.39
CA PRO B 360 43.07 16.74 -0.19
C PRO B 360 42.49 15.35 -0.36
N LEU B 361 41.62 15.13 -1.35
CA LEU B 361 41.06 13.80 -1.59
C LEU B 361 41.95 12.94 -2.49
N VAL B 362 43.08 13.47 -2.95
CA VAL B 362 43.99 12.71 -3.80
C VAL B 362 44.85 11.80 -2.95
N PHE B 363 45.08 10.58 -3.44
CA PHE B 363 45.85 9.58 -2.72
C PHE B 363 46.94 9.02 -3.62
N ASN B 364 48.19 9.12 -3.17
CA ASN B 364 49.32 8.50 -3.87
C ASN B 364 49.74 7.26 -3.10
N PRO B 365 49.62 6.07 -3.69
CA PRO B 365 49.96 4.85 -2.95
C PRO B 365 51.46 4.79 -2.64
N ASP B 366 51.76 4.34 -1.42
CA ASP B 366 53.15 4.20 -1.01
C ASP B 366 53.76 2.95 -1.63
N THR B 367 55.08 2.80 -1.44
CA THR B 367 55.78 1.69 -2.06
C THR B 367 55.36 0.35 -1.47
N GLY B 368 55.08 0.31 -0.15
CA GLY B 368 54.64 -0.92 0.46
C GLY B 368 53.31 -1.42 -0.08
N LEU B 369 52.43 -0.50 -0.48
CA LEU B 369 51.16 -0.89 -1.08
C LEU B 369 51.35 -1.32 -2.53
N GLN B 370 52.13 -0.57 -3.30
CA GLN B 370 52.40 -0.96 -4.68
C GLN B 370 53.10 -2.31 -4.76
N SER B 371 53.98 -2.60 -3.80
CA SER B 371 54.63 -3.91 -3.77
C SER B 371 53.65 -5.00 -3.36
N GLU B 372 52.66 -4.67 -2.53
CA GLU B 372 51.69 -5.68 -2.10
C GLU B 372 50.63 -5.91 -3.17
N LEU B 373 50.21 -4.86 -3.86
CA LEU B 373 49.35 -5.05 -5.03
C LEU B 373 50.09 -5.82 -6.12
N LEU B 374 51.42 -5.73 -6.14
CA LEU B 374 52.21 -6.45 -7.13
C LEU B 374 52.22 -7.95 -6.83
N SER B 375 52.48 -8.32 -5.58
CA SER B 375 52.58 -9.72 -5.22
C SER B 375 51.26 -10.45 -5.41
N PHE B 376 50.13 -9.73 -5.31
CA PHE B 376 48.84 -10.37 -5.53
C PHE B 376 48.68 -10.79 -6.99
N VAL B 377 49.21 -10.00 -7.92
CA VAL B 377 49.08 -10.34 -9.34
C VAL B 377 49.91 -11.57 -9.68
N MET B 378 51.05 -11.76 -9.00
CA MET B 378 51.90 -12.90 -9.31
C MET B 378 51.24 -14.21 -8.87
N ASP B 379 50.72 -14.25 -7.64
CA ASP B 379 50.19 -15.47 -7.06
C ASP B 379 48.74 -15.73 -7.42
N HIS B 380 48.11 -14.86 -8.21
CA HIS B 380 46.71 -15.05 -8.59
C HIS B 380 46.42 -14.89 -10.08
N VAL B 381 47.30 -14.25 -10.85
CA VAL B 381 47.10 -14.08 -12.28
C VAL B 381 48.02 -14.99 -13.08
N PHE B 382 49.28 -15.14 -12.65
CA PHE B 382 50.28 -15.92 -13.37
C PHE B 382 50.47 -17.25 -12.66
N ILE B 383 49.78 -18.28 -13.15
CA ILE B 383 49.90 -19.64 -12.62
C ILE B 383 50.18 -20.58 -13.79
N ASP B 384 50.08 -21.87 -13.56
CA ASP B 384 50.33 -22.86 -14.61
C ASP B 384 49.24 -22.83 -15.69
N GLU B 397 31.08 -29.84 -16.47
CA GLU B 397 30.94 -28.40 -16.69
C GLU B 397 32.16 -27.64 -16.16
N ASP B 398 33.34 -28.18 -16.42
CA ASP B 398 34.58 -27.52 -16.00
C ASP B 398 35.25 -26.73 -17.12
N GLU B 399 35.10 -27.17 -18.38
CA GLU B 399 35.53 -26.34 -19.50
C GLU B 399 34.80 -25.01 -19.55
N ALA B 400 33.67 -24.91 -18.86
CA ALA B 400 33.00 -23.62 -18.68
C ALA B 400 33.41 -22.93 -17.39
N ASN B 401 34.00 -23.66 -16.45
CA ASN B 401 34.42 -23.09 -15.17
C ASN B 401 35.82 -22.46 -15.26
N LYS B 402 36.81 -23.22 -15.72
CA LYS B 402 38.15 -22.67 -15.87
C LYS B 402 38.22 -21.62 -16.97
N ILE B 403 37.17 -21.48 -17.78
CA ILE B 403 37.07 -20.34 -18.68
C ILE B 403 36.56 -19.12 -17.93
N GLU B 404 35.65 -19.32 -16.97
CA GLU B 404 35.21 -18.21 -16.12
C GLU B 404 36.34 -17.78 -15.18
N ALA B 405 37.11 -18.74 -14.67
CA ALA B 405 38.26 -18.39 -13.84
C ALA B 405 39.31 -17.63 -14.65
N LEU B 406 39.39 -17.87 -15.96
CA LEU B 406 40.28 -17.09 -16.80
C LEU B 406 39.79 -15.66 -16.93
N HIS B 407 38.48 -15.46 -17.07
CA HIS B 407 37.93 -14.12 -17.13
C HIS B 407 38.06 -13.40 -15.79
N LYS B 408 38.08 -14.13 -14.68
CA LYS B 408 38.29 -13.50 -13.39
C LYS B 408 39.70 -12.95 -13.27
N ARG B 409 40.70 -13.75 -13.67
CA ARG B 409 42.09 -13.30 -13.62
C ARG B 409 42.35 -12.16 -14.60
N ARG B 410 41.63 -12.15 -15.73
CA ARG B 410 41.75 -11.03 -16.66
C ARG B 410 41.18 -9.75 -16.08
N ASN B 411 40.15 -9.87 -15.23
CA ASN B 411 39.62 -8.68 -14.55
C ASN B 411 40.58 -8.20 -13.47
N LEU B 412 41.25 -9.12 -12.79
CA LEU B 412 42.25 -8.72 -11.79
C LEU B 412 43.42 -8.01 -12.45
N LEU B 413 43.91 -8.54 -13.57
CA LEU B 413 45.05 -7.94 -14.24
C LEU B 413 44.68 -6.60 -14.88
N ALA B 414 43.49 -6.52 -15.48
CA ALA B 414 43.07 -5.28 -16.11
C ALA B 414 42.89 -4.16 -15.10
N ALA B 415 42.49 -4.51 -13.86
CA ALA B 415 42.36 -3.50 -12.82
C ALA B 415 43.72 -2.94 -12.42
N PHE B 416 44.73 -3.80 -12.32
CA PHE B 416 46.08 -3.35 -11.97
C PHE B 416 46.80 -2.76 -13.17
N SER B 417 46.47 -3.21 -14.39
CA SER B 417 47.08 -2.63 -15.58
C SER B 417 46.65 -1.18 -15.78
N LYS B 418 45.40 -0.87 -15.43
CA LYS B 418 44.91 0.50 -15.58
C LYS B 418 45.63 1.45 -14.62
N LEU B 419 46.14 0.93 -13.51
CA LEU B 419 46.94 1.75 -12.60
C LEU B 419 48.27 2.12 -13.24
N ILE B 420 48.88 1.20 -13.98
CA ILE B 420 50.14 1.48 -14.64
C ILE B 420 49.94 2.43 -15.83
N ILE B 421 48.82 2.26 -16.54
CA ILE B 421 48.56 3.09 -17.71
C ILE B 421 48.35 4.54 -17.30
N TYR B 422 47.69 4.77 -16.17
CA TYR B 422 47.45 6.12 -15.65
C TYR B 422 48.54 6.58 -14.68
N ASP B 423 49.75 6.05 -14.81
CA ASP B 423 50.91 6.37 -13.97
C ASP B 423 50.52 6.58 -12.51
N ILE B 424 49.90 5.55 -11.95
CA ILE B 424 49.56 5.53 -10.52
C ILE B 424 50.57 4.68 -9.74
N VAL B 425 50.89 3.50 -10.25
CA VAL B 425 51.91 2.65 -9.67
C VAL B 425 53.09 2.61 -10.63
N ASP B 426 54.29 2.40 -10.08
CA ASP B 426 55.50 2.44 -10.88
C ASP B 426 55.56 1.27 -11.84
N MET B 427 56.05 1.52 -13.06
CA MET B 427 56.13 0.47 -14.05
C MET B 427 57.41 -0.36 -13.92
N HIS B 428 58.52 0.28 -13.52
CA HIS B 428 59.75 -0.45 -13.29
C HIS B 428 59.59 -1.44 -12.13
N ALA B 429 58.81 -1.06 -11.11
CA ALA B 429 58.51 -2.00 -10.03
C ALA B 429 57.65 -3.15 -10.52
N ALA B 430 56.81 -2.91 -11.54
CA ALA B 430 55.94 -3.93 -12.11
C ALA B 430 56.61 -4.72 -13.23
N ALA B 431 57.94 -4.84 -13.20
CA ALA B 431 58.65 -5.53 -14.28
C ALA B 431 58.42 -7.03 -14.26
N ASP B 432 57.94 -7.59 -13.16
CA ASP B 432 57.79 -9.03 -13.04
C ASP B 432 56.49 -9.55 -13.65
N ILE B 433 55.56 -8.66 -14.05
CA ILE B 433 54.40 -9.11 -14.82
C ILE B 433 54.76 -9.28 -16.29
N PHE B 434 55.81 -8.61 -16.77
CA PHE B 434 56.21 -8.70 -18.17
C PHE B 434 57.24 -9.79 -18.41
N LYS B 435 57.87 -10.33 -17.36
CA LYS B 435 58.82 -11.41 -17.54
C LYS B 435 58.13 -12.64 -18.12
N HIS B 436 56.90 -12.90 -17.69
CA HIS B 436 56.09 -13.98 -18.26
C HIS B 436 55.01 -13.40 -19.17
N TYR B 437 55.48 -12.76 -20.25
CA TYR B 437 54.60 -12.14 -21.23
C TYR B 437 54.30 -13.06 -22.42
N MET B 438 55.35 -13.55 -23.09
CA MET B 438 55.13 -14.48 -24.19
C MET B 438 54.57 -15.82 -23.70
N LYS B 439 54.85 -16.17 -22.44
CA LYS B 439 54.33 -17.40 -21.88
C LYS B 439 52.82 -17.34 -21.64
N TYR B 440 52.27 -16.14 -21.49
CA TYR B 440 50.84 -15.95 -21.25
C TYR B 440 50.22 -15.02 -22.29
N TYR B 441 50.65 -15.13 -23.55
CA TYR B 441 50.07 -14.30 -24.59
C TYR B 441 48.68 -14.79 -24.99
N ASN B 442 48.42 -16.09 -24.87
CA ASN B 442 47.09 -16.60 -25.22
C ASN B 442 46.03 -16.13 -24.22
N ASP B 443 46.41 -15.94 -22.96
CA ASP B 443 45.47 -15.55 -21.92
C ASP B 443 45.50 -14.06 -21.62
N TYR B 444 46.69 -13.47 -21.48
CA TYR B 444 46.83 -12.08 -21.08
C TYR B 444 47.55 -11.23 -22.12
N GLY B 445 47.74 -11.75 -23.33
CA GLY B 445 48.54 -11.04 -24.32
C GLY B 445 47.96 -9.69 -24.68
N ASP B 446 46.65 -9.63 -24.93
CA ASP B 446 46.01 -8.38 -25.30
C ASP B 446 46.07 -7.36 -24.17
N ILE B 447 46.13 -7.83 -22.92
CA ILE B 447 46.18 -6.92 -21.78
C ILE B 447 47.60 -6.43 -21.53
N ILE B 448 48.56 -7.35 -21.52
CA ILE B 448 49.94 -6.97 -21.21
C ILE B 448 50.52 -6.12 -22.34
N LYS B 449 50.19 -6.44 -23.59
CA LYS B 449 50.72 -5.67 -24.71
C LYS B 449 50.21 -4.23 -24.69
N GLU B 450 48.92 -4.04 -24.39
CA GLU B 450 48.38 -2.69 -24.32
C GLU B 450 48.95 -1.92 -23.14
N THR B 451 49.26 -2.61 -22.04
CA THR B 451 49.93 -1.95 -20.92
C THR B 451 51.34 -1.52 -21.31
N LEU B 452 52.00 -2.28 -22.18
CA LEU B 452 53.33 -1.91 -22.67
C LEU B 452 53.28 -0.95 -23.84
N SER B 453 52.10 -0.65 -24.37
CA SER B 453 51.98 0.18 -25.57
C SER B 453 51.38 1.55 -25.31
N LYS B 454 50.61 1.72 -24.24
CA LYS B 454 49.97 3.00 -23.95
C LYS B 454 50.69 3.78 -22.85
N THR B 455 51.92 3.39 -22.53
CA THR B 455 52.68 4.07 -21.47
C THR B 455 53.82 4.89 -22.06
#